data_5IC8
#
_entry.id   5IC8
#
_cell.length_a   91.812
_cell.length_b   126.343
_cell.length_c   140.811
_cell.angle_alpha   90.00
_cell.angle_beta   90.00
_cell.angle_gamma   90.00
#
_symmetry.space_group_name_H-M   'P 21 21 21'
#
_entity_poly.entity_id   1
_entity_poly.type   'polypeptide(L)'
_entity_poly.pdbx_seq_one_letter_code
;RSVTSHASQARTFGIFERAVLKHPGSIELWLAYLEFAAQVKATKRWRRIMTRALRLHPMNASLWTLAGRRAAQNGDMQRA
RAHFLRGCRFCTREPTLWLEYARCEMDWLARMEAKKQGQGVRKGVNALEAIKATEGQEEGDIIPIGEDTEDDSGDEDGLI
LPDPDAEGTDGTKKAAKPVFDAEQTKKLEQSPALSGAIPIAVFDVARKQPFWGPAAAEKFFDVFAKFGHLSCHERIISHV
VTTMQELFPNHPCTWSVHIRQPLVGVDVLTPAFPKALRESLARLKAALQSTTDRKALATKMVAWMDGILAIEKLDAAIRT
VLEHTKRSLEESPS
;
_entity_poly.pdbx_strand_id   A,B,C,D
#
# COMPACT_ATOMS: atom_id res chain seq x y z
N HIS A 6 -57.90 20.25 -14.61
CA HIS A 6 -56.88 19.61 -15.43
C HIS A 6 -56.03 20.63 -16.21
N ALA A 7 -56.68 21.66 -16.72
CA ALA A 7 -56.00 22.74 -17.43
C ALA A 7 -55.02 23.45 -16.53
N SER A 8 -55.33 23.50 -15.23
CA SER A 8 -54.42 24.06 -14.22
C SER A 8 -53.08 23.31 -14.16
N GLN A 9 -53.13 21.98 -14.32
CA GLN A 9 -51.90 21.19 -14.39
C GLN A 9 -51.02 21.77 -15.50
N ALA A 10 -51.61 21.89 -16.68
CA ALA A 10 -50.91 22.42 -17.83
C ALA A 10 -50.32 23.81 -17.54
N ARG A 11 -51.16 24.70 -17.01
CA ARG A 11 -50.74 26.07 -16.79
C ARG A 11 -49.55 26.15 -15.87
N THR A 12 -49.69 25.49 -14.72
CA THR A 12 -48.65 25.43 -13.69
C THR A 12 -47.36 24.83 -14.23
N PHE A 13 -47.51 23.73 -14.95
CA PHE A 13 -46.38 23.09 -15.58
C PHE A 13 -45.63 24.08 -16.45
N GLY A 14 -46.38 24.88 -17.18
CA GLY A 14 -45.78 25.90 -18.01
C GLY A 14 -45.01 26.85 -17.14
N ILE A 15 -45.59 27.25 -16.01
CA ILE A 15 -44.92 28.19 -15.11
C ILE A 15 -43.55 27.65 -14.72
N PHE A 16 -43.55 26.44 -14.20
CA PHE A 16 -42.30 25.80 -13.77
C PHE A 16 -41.32 25.65 -14.93
N GLU A 17 -41.82 25.22 -16.07
CA GLU A 17 -41.00 24.92 -17.22
C GLU A 17 -40.22 26.13 -17.75
N ARG A 18 -40.96 27.20 -17.99
CA ARG A 18 -40.36 28.43 -18.45
C ARG A 18 -39.49 28.99 -17.32
N ALA A 19 -39.83 28.64 -16.08
CA ALA A 19 -39.04 29.09 -14.93
C ALA A 19 -37.65 28.47 -14.91
N VAL A 20 -37.55 27.15 -14.99
CA VAL A 20 -36.27 26.45 -14.97
C VAL A 20 -35.52 26.66 -16.28
N LEU A 21 -36.21 27.05 -17.35
CA LEU A 21 -35.51 27.42 -18.59
C LEU A 21 -34.85 28.77 -18.46
N LYS A 22 -35.53 29.70 -17.81
CA LYS A 22 -34.96 31.03 -17.56
C LYS A 22 -33.75 30.84 -16.69
N HIS A 23 -33.97 30.13 -15.58
CA HIS A 23 -32.93 29.88 -14.60
C HIS A 23 -32.71 28.45 -14.21
N PRO A 24 -31.83 27.76 -14.94
CA PRO A 24 -31.64 26.35 -14.55
C PRO A 24 -30.76 26.19 -13.33
N GLY A 25 -30.10 27.25 -12.89
CA GLY A 25 -29.26 27.16 -11.72
C GLY A 25 -30.04 27.05 -10.42
N SER A 26 -31.30 27.47 -10.44
CA SER A 26 -32.08 27.47 -9.21
C SER A 26 -32.56 26.09 -8.79
N ILE A 27 -31.93 25.51 -7.79
CA ILE A 27 -32.30 24.17 -7.36
C ILE A 27 -33.69 24.14 -6.76
N GLU A 28 -34.07 25.20 -6.08
CA GLU A 28 -35.36 25.28 -5.43
C GLU A 28 -36.51 25.19 -6.44
N LEU A 29 -36.31 25.80 -7.62
CA LEU A 29 -37.31 25.73 -8.68
C LEU A 29 -37.53 24.29 -9.11
N TRP A 30 -36.43 23.58 -9.29
CA TRP A 30 -36.46 22.18 -9.63
C TRP A 30 -37.18 21.36 -8.58
N LEU A 31 -36.86 21.62 -7.33
CA LEU A 31 -37.44 20.89 -6.22
C LEU A 31 -38.95 21.11 -6.14
N ALA A 32 -39.34 22.38 -6.24
CA ALA A 32 -40.73 22.81 -6.21
C ALA A 32 -41.54 22.18 -7.36
N TYR A 33 -40.99 22.26 -8.56
CA TYR A 33 -41.54 21.61 -9.76
C TYR A 33 -41.71 20.12 -9.55
N LEU A 34 -40.69 19.47 -8.99
CA LEU A 34 -40.81 18.03 -8.73
C LEU A 34 -41.95 17.72 -7.77
N GLU A 35 -42.07 18.53 -6.73
CA GLU A 35 -43.12 18.29 -5.74
C GLU A 35 -44.49 18.43 -6.39
N PHE A 36 -44.64 19.47 -7.20
CA PHE A 36 -45.90 19.66 -7.89
C PHE A 36 -46.20 18.46 -8.80
N ALA A 37 -45.23 18.05 -9.58
CA ALA A 37 -45.41 16.91 -10.48
C ALA A 37 -45.78 15.62 -9.74
N ALA A 38 -45.19 15.45 -8.55
CA ALA A 38 -45.41 14.28 -7.72
C ALA A 38 -46.81 14.27 -7.13
N GLN A 39 -47.32 15.45 -6.79
CA GLN A 39 -48.65 15.51 -6.19
C GLN A 39 -49.78 15.33 -7.19
N VAL A 40 -49.55 15.67 -8.45
CA VAL A 40 -50.57 15.48 -9.48
C VAL A 40 -50.42 14.10 -10.12
N LYS A 41 -49.54 13.29 -9.55
CA LYS A 41 -49.33 11.90 -9.94
C LYS A 41 -48.86 11.76 -11.40
N ALA A 42 -48.12 12.77 -11.85
CA ALA A 42 -47.50 12.72 -13.17
C ALA A 42 -46.14 12.05 -13.05
N THR A 43 -46.12 10.73 -12.86
CA THR A 43 -44.86 10.08 -12.51
C THR A 43 -43.85 10.10 -13.68
N LYS A 44 -44.31 9.94 -14.91
CA LYS A 44 -43.45 9.98 -16.09
C LYS A 44 -42.78 11.35 -16.20
N ARG A 45 -43.60 12.38 -16.06
CA ARG A 45 -43.08 13.73 -16.10
C ARG A 45 -42.13 13.94 -14.93
N TRP A 46 -42.45 13.35 -13.78
CA TRP A 46 -41.60 13.46 -12.61
C TRP A 46 -40.23 12.86 -12.90
N ARG A 47 -40.20 11.70 -13.54
CA ARG A 47 -38.93 11.07 -13.86
C ARG A 47 -38.12 11.92 -14.85
N ARG A 48 -38.80 12.46 -15.84
CA ARG A 48 -38.12 13.31 -16.81
C ARG A 48 -37.54 14.56 -16.16
N ILE A 49 -38.33 15.22 -15.31
CA ILE A 49 -37.85 16.43 -14.62
C ILE A 49 -36.70 16.10 -13.68
N MET A 50 -36.75 14.90 -13.10
CA MET A 50 -35.69 14.47 -12.21
C MET A 50 -34.40 14.29 -13.00
N THR A 51 -34.52 13.63 -14.14
CA THR A 51 -33.38 13.41 -15.03
C THR A 51 -32.73 14.72 -15.43
N ARG A 52 -33.54 15.69 -15.83
CA ARG A 52 -33.00 16.97 -16.20
C ARG A 52 -32.31 17.71 -15.05
N ALA A 53 -32.98 17.76 -13.90
CA ALA A 53 -32.41 18.43 -12.73
C ALA A 53 -31.09 17.81 -12.28
N LEU A 54 -31.04 16.48 -12.17
CA LEU A 54 -29.80 15.80 -11.75
C LEU A 54 -28.71 15.90 -12.78
N ARG A 55 -29.13 15.96 -14.04
CA ARG A 55 -28.20 16.14 -15.12
C ARG A 55 -27.48 17.43 -14.94
N LEU A 56 -28.22 18.47 -14.63
CA LEU A 56 -27.50 19.70 -14.54
C LEU A 56 -27.17 20.06 -13.11
N HIS A 57 -27.59 19.25 -12.15
CA HIS A 57 -27.14 19.43 -10.75
C HIS A 57 -26.73 18.13 -10.08
N PRO A 58 -25.70 17.47 -10.61
CA PRO A 58 -25.33 16.11 -10.20
C PRO A 58 -24.80 16.02 -8.80
N MET A 59 -24.36 17.12 -8.22
CA MET A 59 -23.85 17.01 -6.87
C MET A 59 -24.81 17.59 -5.88
N ASN A 60 -26.10 17.67 -6.23
CA ASN A 60 -27.06 18.20 -5.25
C ASN A 60 -27.76 17.07 -4.54
N ALA A 61 -27.48 17.03 -3.23
CA ALA A 61 -27.93 15.96 -2.36
C ALA A 61 -29.43 15.87 -2.33
N SER A 62 -30.09 17.01 -2.29
CA SER A 62 -31.53 17.05 -2.17
C SER A 62 -32.15 16.20 -3.26
N LEU A 63 -31.64 16.31 -4.48
CA LEU A 63 -32.20 15.58 -5.60
C LEU A 63 -32.02 14.09 -5.42
N TRP A 64 -30.78 13.70 -5.19
CA TRP A 64 -30.48 12.30 -5.01
C TRP A 64 -31.27 11.66 -3.89
N THR A 65 -31.32 12.34 -2.74
CA THR A 65 -32.09 11.85 -1.58
C THR A 65 -33.52 11.67 -2.00
N LEU A 66 -34.03 12.65 -2.73
CA LEU A 66 -35.42 12.64 -3.14
C LEU A 66 -35.74 11.38 -3.90
N ALA A 67 -34.87 11.06 -4.86
CA ALA A 67 -34.99 9.85 -5.66
C ALA A 67 -34.88 8.56 -4.85
N GLY A 68 -33.83 8.45 -4.03
CA GLY A 68 -33.60 7.22 -3.28
C GLY A 68 -34.72 6.95 -2.31
N ARG A 69 -35.12 8.02 -1.64
CA ARG A 69 -36.17 8.00 -0.64
C ARG A 69 -37.52 7.68 -1.34
N ARG A 70 -37.72 8.15 -2.57
CA ARG A 70 -38.95 7.74 -3.28
C ARG A 70 -38.93 6.25 -3.58
N ALA A 71 -37.79 5.72 -4.03
CA ALA A 71 -37.74 4.31 -4.33
C ALA A 71 -37.99 3.47 -3.09
N ALA A 72 -37.48 3.93 -1.96
CA ALA A 72 -37.65 3.18 -0.73
C ALA A 72 -39.10 3.25 -0.29
N GLN A 73 -39.72 4.43 -0.47
CA GLN A 73 -41.11 4.57 -0.07
C GLN A 73 -42.00 3.75 -0.98
N ASN A 74 -41.55 3.50 -2.21
CA ASN A 74 -42.31 2.62 -3.09
C ASN A 74 -42.08 1.19 -2.69
N GLY A 75 -41.10 0.94 -1.82
CA GLY A 75 -40.96 -0.39 -1.28
C GLY A 75 -39.74 -1.20 -1.63
N ASP A 76 -38.98 -0.83 -2.66
CA ASP A 76 -37.76 -1.62 -2.93
C ASP A 76 -36.53 -0.87 -2.42
N MET A 77 -35.93 -1.47 -1.40
CA MET A 77 -34.77 -0.88 -0.78
C MET A 77 -33.58 -1.09 -1.73
N GLN A 78 -33.72 -1.97 -2.71
CA GLN A 78 -32.64 -2.22 -3.66
C GLN A 78 -32.35 -0.98 -4.47
N ARG A 79 -33.35 -0.42 -5.14
CA ARG A 79 -33.11 0.82 -5.88
C ARG A 79 -32.77 1.94 -4.92
N ALA A 80 -33.37 1.95 -3.73
CA ALA A 80 -33.08 3.04 -2.81
C ALA A 80 -31.58 3.15 -2.61
N ARG A 81 -31.04 2.00 -2.21
CA ARG A 81 -29.63 1.81 -1.95
C ARG A 81 -28.85 2.15 -3.20
N ALA A 82 -29.37 1.70 -4.34
CA ALA A 82 -28.75 1.94 -5.65
C ALA A 82 -28.49 3.43 -5.94
N HIS A 83 -29.55 4.22 -5.79
CA HIS A 83 -29.52 5.65 -6.01
C HIS A 83 -28.60 6.33 -5.08
N PHE A 84 -28.73 5.95 -3.82
CA PHE A 84 -27.95 6.59 -2.76
C PHE A 84 -26.44 6.36 -2.94
N LEU A 85 -26.08 5.16 -3.39
CA LEU A 85 -24.69 4.82 -3.59
C LEU A 85 -24.10 5.54 -4.82
N ARG A 86 -24.90 5.62 -5.88
CA ARG A 86 -24.50 6.39 -7.05
C ARG A 86 -24.21 7.82 -6.66
N GLY A 87 -25.21 8.38 -5.98
CA GLY A 87 -25.16 9.74 -5.54
C GLY A 87 -23.99 10.02 -4.65
N CYS A 88 -23.69 9.10 -3.74
CA CYS A 88 -22.56 9.29 -2.81
C CYS A 88 -21.25 9.29 -3.57
N ARG A 89 -21.22 8.61 -4.72
CA ARG A 89 -20.07 8.74 -5.60
C ARG A 89 -19.99 10.17 -6.09
N PHE A 90 -21.15 10.77 -6.34
CA PHE A 90 -21.15 12.18 -6.78
C PHE A 90 -21.00 13.19 -5.65
N CYS A 91 -21.90 13.14 -4.66
CA CYS A 91 -21.94 14.10 -3.58
C CYS A 91 -20.90 13.83 -2.52
N THR A 92 -19.76 14.46 -2.66
CA THR A 92 -18.62 14.09 -1.86
C THR A 92 -17.87 15.29 -1.19
N ARG A 93 -18.37 16.52 -1.34
CA ARG A 93 -17.83 17.71 -0.67
C ARG A 93 -18.76 18.20 0.45
N GLU A 94 -19.82 17.46 0.68
CA GLU A 94 -20.85 17.79 1.65
C GLU A 94 -21.49 16.54 2.29
N PRO A 95 -21.57 16.49 3.61
CA PRO A 95 -22.10 15.32 4.29
C PRO A 95 -23.52 14.93 3.91
N THR A 96 -24.28 15.89 3.43
CA THR A 96 -25.72 15.72 3.30
C THR A 96 -26.17 14.36 2.76
N LEU A 97 -25.72 13.99 1.56
CA LEU A 97 -26.28 12.79 0.93
C LEU A 97 -25.99 11.55 1.77
N TRP A 98 -24.79 11.49 2.35
CA TRP A 98 -24.36 10.38 3.22
C TRP A 98 -25.21 10.27 4.48
N LEU A 99 -25.48 11.43 5.12
CA LEU A 99 -26.34 11.43 6.28
C LEU A 99 -27.71 10.90 5.92
N GLU A 100 -28.21 11.31 4.75
CA GLU A 100 -29.55 10.89 4.33
C GLU A 100 -29.65 9.42 3.97
N TYR A 101 -28.55 8.87 3.47
CA TYR A 101 -28.45 7.44 3.18
C TYR A 101 -28.44 6.67 4.49
N ALA A 102 -27.63 7.12 5.45
CA ALA A 102 -27.57 6.48 6.75
C ALA A 102 -28.95 6.45 7.36
N ARG A 103 -29.63 7.59 7.28
CA ARG A 103 -30.97 7.74 7.81
C ARG A 103 -31.95 6.78 7.16
N CYS A 104 -31.89 6.72 5.84
CA CYS A 104 -32.76 5.87 5.08
C CYS A 104 -32.55 4.42 5.49
N GLU A 105 -31.29 4.09 5.75
CA GLU A 105 -30.93 2.77 6.18
C GLU A 105 -31.51 2.42 7.58
N MET A 106 -31.34 3.34 8.54
CA MET A 106 -31.87 3.11 9.89
C MET A 106 -33.38 3.02 9.84
N ASP A 107 -33.98 3.77 8.92
CA ASP A 107 -35.42 3.75 8.70
C ASP A 107 -35.88 2.37 8.24
N TRP A 108 -35.13 1.78 7.33
CA TRP A 108 -35.44 0.43 6.91
C TRP A 108 -35.36 -0.52 8.11
N LEU A 109 -34.33 -0.38 8.94
CA LEU A 109 -34.25 -1.22 10.14
C LEU A 109 -35.43 -1.04 11.03
N ALA A 110 -35.91 0.20 11.11
CA ALA A 110 -37.10 0.49 11.88
C ALA A 110 -38.29 -0.29 11.32
N ARG A 111 -38.44 -0.35 10.00
CA ARG A 111 -39.55 -1.15 9.42
C ARG A 111 -39.41 -2.66 9.61
N MET A 112 -38.16 -3.13 9.54
CA MET A 112 -37.84 -4.55 9.72
C MET A 112 -38.06 -4.99 11.18
N GLU A 113 -37.79 -4.09 12.11
CA GLU A 113 -38.07 -4.39 13.52
C GLU A 113 -39.56 -4.31 13.80
N ALA A 114 -40.26 -3.44 13.08
CA ALA A 114 -41.72 -3.32 13.24
C ALA A 114 -42.40 -4.58 12.74
N LYS A 115 -41.89 -5.14 11.64
CA LYS A 115 -42.47 -6.36 11.10
C LYS A 115 -42.19 -7.57 12.02
N LYS A 116 -41.01 -7.59 12.65
CA LYS A 116 -40.67 -8.61 13.63
C LYS A 116 -41.43 -8.38 14.95
N ASP A 157 -38.71 4.27 -19.36
CA ASP A 157 -38.52 4.81 -18.01
C ASP A 157 -37.81 6.16 -18.08
N GLY A 158 -38.52 7.23 -17.73
CA GLY A 158 -37.92 8.55 -17.77
C GLY A 158 -36.70 8.85 -16.90
N LEU A 159 -36.50 8.10 -15.81
CA LEU A 159 -35.44 8.38 -14.84
C LEU A 159 -34.08 7.92 -15.32
N ILE A 160 -33.19 8.88 -15.58
CA ILE A 160 -31.82 8.58 -16.01
C ILE A 160 -30.83 9.31 -15.10
N LEU A 161 -30.05 8.55 -14.36
CA LEU A 161 -29.20 9.14 -13.34
C LEU A 161 -27.81 9.31 -13.89
N PRO A 162 -27.12 10.35 -13.43
CA PRO A 162 -25.76 10.62 -13.88
C PRO A 162 -24.82 9.43 -13.76
N ASP A 163 -24.08 9.15 -14.83
CA ASP A 163 -23.10 8.07 -14.85
C ASP A 163 -21.88 8.56 -14.13
N PRO A 164 -21.47 7.83 -13.08
CA PRO A 164 -20.30 8.03 -12.23
C PRO A 164 -19.03 7.69 -12.98
N ASP A 165 -19.16 6.70 -13.86
CA ASP A 165 -18.06 6.24 -14.70
C ASP A 165 -18.07 7.00 -16.02
N ALA A 166 -18.12 8.30 -15.90
CA ALA A 166 -18.05 9.14 -17.05
C ALA A 166 -16.82 9.99 -16.95
N GLU A 167 -16.16 10.17 -18.07
CA GLU A 167 -14.93 10.93 -18.10
C GLU A 167 -15.23 12.33 -18.58
N GLY A 168 -14.47 13.29 -18.07
CA GLY A 168 -14.51 14.67 -18.50
C GLY A 168 -13.69 14.85 -19.78
N THR A 169 -13.38 16.10 -20.10
CA THR A 169 -12.57 16.40 -21.26
C THR A 169 -11.15 15.80 -21.19
N ASP A 170 -10.52 15.89 -20.02
CA ASP A 170 -9.14 15.44 -19.81
C ASP A 170 -8.89 14.02 -19.30
N GLY A 171 -9.92 13.19 -19.19
CA GLY A 171 -9.73 11.84 -18.66
C GLY A 171 -10.26 11.67 -17.24
N THR A 172 -10.34 12.78 -16.49
CA THR A 172 -10.81 12.74 -15.11
C THR A 172 -12.24 12.20 -15.03
N LYS A 173 -12.45 11.35 -14.03
CA LYS A 173 -13.76 10.83 -13.72
C LYS A 173 -14.62 11.91 -13.05
N LYS A 174 -15.89 11.94 -13.42
CA LYS A 174 -16.87 12.86 -12.83
C LYS A 174 -17.32 12.47 -11.42
N ALA A 175 -16.99 11.25 -11.01
CA ALA A 175 -17.44 10.74 -9.73
C ALA A 175 -16.40 9.86 -9.04
N ALA A 176 -16.41 9.85 -7.71
CA ALA A 176 -15.47 9.05 -6.94
C ALA A 176 -15.64 7.58 -7.23
N LYS A 177 -14.66 6.75 -6.86
CA LYS A 177 -14.74 5.29 -7.04
C LYS A 177 -15.97 4.78 -6.28
N PRO A 178 -16.54 3.65 -6.68
CA PRO A 178 -17.73 3.19 -5.95
C PRO A 178 -17.53 3.12 -4.43
N VAL A 179 -18.58 3.47 -3.67
CA VAL A 179 -18.54 3.57 -2.20
C VAL A 179 -18.12 2.27 -1.57
N PHE A 180 -18.60 1.17 -2.13
CA PHE A 180 -18.25 -0.17 -1.62
C PHE A 180 -17.75 -1.08 -2.72
N ASP A 181 -16.67 -1.78 -2.42
CA ASP A 181 -16.14 -2.81 -3.28
C ASP A 181 -17.18 -3.93 -3.41
N ALA A 182 -17.09 -4.68 -4.52
CA ALA A 182 -17.98 -5.79 -4.85
C ALA A 182 -18.01 -6.85 -3.75
N GLU A 183 -16.81 -7.14 -3.27
CA GLU A 183 -16.61 -7.99 -2.10
C GLU A 183 -17.28 -7.37 -0.90
N GLN A 184 -17.00 -6.08 -0.68
CA GLN A 184 -17.54 -5.44 0.49
C GLN A 184 -19.08 -5.44 0.50
N THR A 185 -19.68 -5.11 -0.64
CA THR A 185 -21.13 -5.11 -0.79
C THR A 185 -21.67 -6.51 -0.51
N LYS A 186 -20.99 -7.55 -1.01
CA LYS A 186 -21.47 -8.91 -0.75
C LYS A 186 -21.43 -9.23 0.76
N LYS A 187 -20.37 -8.79 1.46
CA LYS A 187 -20.25 -9.07 2.90
C LYS A 187 -21.31 -8.32 3.70
N LEU A 188 -21.76 -7.17 3.17
CA LEU A 188 -22.79 -6.39 3.84
C LEU A 188 -24.19 -6.96 3.57
N GLU A 189 -24.36 -7.57 2.39
CA GLU A 189 -25.63 -8.20 2.02
C GLU A 189 -25.87 -9.46 2.86
N GLN A 190 -24.81 -10.24 3.02
CA GLN A 190 -24.90 -11.47 3.80
C GLN A 190 -25.04 -11.15 5.28
N SER A 191 -24.64 -9.93 5.64
CA SER A 191 -24.74 -9.49 7.02
C SER A 191 -26.19 -9.50 7.49
N PRO A 192 -26.40 -9.88 8.78
CA PRO A 192 -27.71 -9.88 9.43
C PRO A 192 -28.36 -8.49 9.39
N ALA A 193 -29.67 -8.43 9.12
CA ALA A 193 -30.34 -7.16 8.89
C ALA A 193 -30.42 -6.29 10.15
N LEU A 194 -30.56 -6.90 11.31
CA LEU A 194 -30.76 -6.10 12.51
C LEU A 194 -29.45 -5.78 13.20
N SER A 195 -28.36 -6.03 12.48
CA SER A 195 -27.02 -5.76 12.99
C SER A 195 -26.71 -4.27 12.89
N GLY A 196 -27.12 -3.64 11.80
CA GLY A 196 -26.78 -2.24 11.60
C GLY A 196 -25.36 -2.13 11.10
N ALA A 197 -24.93 -3.13 10.34
CA ALA A 197 -23.59 -3.14 9.80
C ALA A 197 -23.46 -2.14 8.65
N ILE A 198 -24.57 -1.90 7.95
CA ILE A 198 -24.52 -0.99 6.80
C ILE A 198 -24.38 0.48 7.21
N PRO A 199 -25.19 0.99 8.16
CA PRO A 199 -25.01 2.40 8.50
C PRO A 199 -23.65 2.67 9.11
N ILE A 200 -23.14 1.69 9.84
CA ILE A 200 -21.77 1.78 10.37
C ILE A 200 -20.79 1.87 9.21
N ALA A 201 -20.99 1.00 8.21
CA ALA A 201 -20.14 0.97 7.03
C ALA A 201 -20.13 2.30 6.30
N VAL A 202 -21.32 2.89 6.19
CA VAL A 202 -21.51 4.19 5.58
C VAL A 202 -20.71 5.21 6.31
N PHE A 203 -20.77 5.14 7.64
CA PHE A 203 -20.00 6.02 8.49
C PHE A 203 -18.47 5.89 8.27
N ASP A 204 -17.97 4.66 8.32
CA ASP A 204 -16.54 4.40 8.11
C ASP A 204 -15.99 4.80 6.75
N VAL A 205 -16.78 4.60 5.69
CA VAL A 205 -16.34 4.99 4.35
C VAL A 205 -16.44 6.48 4.20
N ALA A 206 -17.40 7.07 4.88
CA ALA A 206 -17.52 8.52 4.87
C ALA A 206 -16.26 9.11 5.43
N ARG A 207 -15.62 8.37 6.32
CA ARG A 207 -14.41 8.85 6.91
C ARG A 207 -13.33 9.14 5.82
N LYS A 208 -13.40 8.45 4.68
CA LYS A 208 -12.47 8.62 3.56
C LYS A 208 -12.82 9.77 2.65
N GLN A 209 -14.03 10.29 2.77
CA GLN A 209 -14.53 11.38 1.90
C GLN A 209 -13.98 12.77 2.25
N PRO A 210 -13.94 13.67 1.25
CA PRO A 210 -13.41 15.02 1.52
C PRO A 210 -14.14 15.74 2.64
N PHE A 211 -15.44 15.52 2.78
CA PHE A 211 -16.21 16.27 3.78
C PHE A 211 -15.96 15.80 5.20
N TRP A 212 -15.19 14.72 5.35
CA TRP A 212 -15.01 14.15 6.66
C TRP A 212 -14.33 15.15 7.59
N GLY A 213 -14.94 15.40 8.75
CA GLY A 213 -14.38 16.25 9.78
C GLY A 213 -15.12 16.06 11.11
N PRO A 214 -14.75 16.79 12.17
CA PRO A 214 -15.57 16.58 13.36
C PRO A 214 -17.04 16.99 13.19
N ALA A 215 -17.33 18.08 12.48
CA ALA A 215 -18.71 18.52 12.27
C ALA A 215 -19.58 17.47 11.55
N ALA A 216 -19.04 16.88 10.49
CA ALA A 216 -19.71 15.79 9.76
C ALA A 216 -20.01 14.60 10.68
N ALA A 217 -19.01 14.20 11.45
CA ALA A 217 -19.14 13.12 12.38
C ALA A 217 -20.27 13.40 13.35
N GLU A 218 -20.29 14.60 13.90
CA GLU A 218 -21.35 14.96 14.82
C GLU A 218 -22.72 14.92 14.12
N LYS A 219 -22.77 15.28 12.84
CA LYS A 219 -24.05 15.15 12.13
C LYS A 219 -24.52 13.68 12.04
N PHE A 220 -23.61 12.75 11.79
CA PHE A 220 -23.94 11.32 11.84
C PHE A 220 -24.44 10.91 13.22
N PHE A 221 -23.78 11.41 14.26
CA PHE A 221 -24.21 11.08 15.62
C PHE A 221 -25.64 11.51 15.78
N ASP A 222 -25.94 12.68 15.24
CA ASP A 222 -27.29 13.25 15.30
C ASP A 222 -28.34 12.45 14.53
N VAL A 223 -27.98 12.02 13.32
CA VAL A 223 -28.86 11.18 12.49
C VAL A 223 -29.23 9.94 13.29
N PHE A 224 -28.20 9.32 13.86
CA PHE A 224 -28.32 8.09 14.64
C PHE A 224 -28.92 8.26 16.05
N ALA A 225 -28.87 9.47 16.57
CA ALA A 225 -29.27 9.77 17.93
C ALA A 225 -30.78 9.81 18.08
N LYS A 226 -31.47 9.87 16.94
CA LYS A 226 -32.90 9.54 16.93
C LYS A 226 -32.85 8.02 16.82
N PHE A 227 -33.85 7.29 16.37
CA PHE A 227 -33.69 5.83 16.28
C PHE A 227 -33.15 5.17 17.58
N GLY A 228 -33.49 5.76 18.72
CA GLY A 228 -33.06 5.30 20.04
C GLY A 228 -33.73 3.99 20.45
N HIS A 229 -34.84 3.70 19.78
CA HIS A 229 -35.65 2.53 20.01
C HIS A 229 -35.18 1.26 19.27
N LEU A 230 -33.95 1.24 18.75
CA LEU A 230 -33.51 0.06 17.99
C LEU A 230 -32.36 -0.61 18.70
N SER A 231 -32.20 -1.92 18.52
CA SER A 231 -31.15 -2.62 19.26
C SER A 231 -29.75 -2.13 18.88
N CYS A 232 -29.51 -2.04 17.58
CA CYS A 232 -28.22 -1.63 17.07
C CYS A 232 -27.74 -0.26 17.55
N HIS A 233 -28.65 0.66 17.86
CA HIS A 233 -28.23 2.05 18.06
C HIS A 233 -27.14 2.18 19.12
N GLU A 234 -27.16 1.34 20.14
CA GLU A 234 -26.14 1.48 21.17
C GLU A 234 -24.79 1.26 20.54
N ARG A 235 -24.63 0.10 19.89
CA ARG A 235 -23.34 -0.22 19.29
C ARG A 235 -22.94 0.87 18.31
N ILE A 236 -23.90 1.34 17.49
CA ILE A 236 -23.64 2.37 16.48
C ILE A 236 -23.16 3.70 17.08
N ILE A 237 -23.94 4.21 18.02
CA ILE A 237 -23.62 5.46 18.67
C ILE A 237 -22.26 5.37 19.34
N SER A 238 -22.01 4.23 19.96
CA SER A 238 -20.75 4.01 20.66
C SER A 238 -19.59 4.10 19.70
N HIS A 239 -19.81 3.51 18.51
CA HIS A 239 -18.81 3.48 17.44
C HIS A 239 -18.45 4.89 17.06
N VAL A 240 -19.50 5.68 16.82
CA VAL A 240 -19.42 7.07 16.37
C VAL A 240 -18.73 7.97 17.40
N VAL A 241 -19.17 7.89 18.65
CA VAL A 241 -18.55 8.67 19.72
C VAL A 241 -17.09 8.28 19.90
N THR A 242 -16.81 6.98 19.98
CA THR A 242 -15.44 6.53 20.10
C THR A 242 -14.55 7.07 19.00
N THR A 243 -15.00 6.86 17.78
CA THR A 243 -14.28 7.28 16.59
C THR A 243 -13.95 8.73 16.64
N MET A 244 -14.95 9.51 17.03
CA MET A 244 -14.77 10.94 17.14
C MET A 244 -13.69 11.22 18.20
N GLN A 245 -13.79 10.51 19.32
CA GLN A 245 -12.84 10.67 20.39
C GLN A 245 -11.44 10.33 20.01
N GLU A 246 -11.31 9.39 19.10
CA GLU A 246 -10.01 8.85 18.72
C GLU A 246 -9.33 9.78 17.74
N LEU A 247 -10.14 10.31 16.83
CA LEU A 247 -9.67 11.21 15.78
C LEU A 247 -9.67 12.70 16.11
N PHE A 248 -10.69 13.15 16.83
CA PHE A 248 -10.79 14.55 17.19
C PHE A 248 -10.91 14.60 18.69
N PRO A 249 -9.79 14.46 19.39
CA PRO A 249 -9.83 14.18 20.82
C PRO A 249 -10.39 15.29 21.71
N ASN A 250 -10.23 16.55 21.32
CA ASN A 250 -10.67 17.57 22.24
C ASN A 250 -11.62 18.60 21.62
N HIS A 251 -12.22 18.22 20.50
CA HIS A 251 -13.06 19.12 19.76
C HIS A 251 -14.40 19.29 20.43
N PRO A 252 -14.93 20.53 20.40
CA PRO A 252 -16.23 20.77 21.03
C PRO A 252 -17.34 19.88 20.48
N CYS A 253 -17.19 19.38 19.27
CA CYS A 253 -18.13 18.45 18.68
C CYS A 253 -18.06 17.07 19.36
N THR A 254 -16.83 16.61 19.60
CA THR A 254 -16.63 15.31 20.23
C THR A 254 -17.12 15.40 21.64
N TRP A 255 -16.87 16.54 22.27
CA TRP A 255 -17.40 16.76 23.60
C TRP A 255 -18.91 16.74 23.58
N SER A 256 -19.48 17.33 22.53
CA SER A 256 -20.93 17.37 22.35
C SER A 256 -21.53 16.00 22.37
N VAL A 257 -21.00 15.16 21.51
CA VAL A 257 -21.54 13.82 21.38
C VAL A 257 -21.25 13.03 22.64
N HIS A 258 -20.15 13.33 23.32
CA HIS A 258 -19.86 12.64 24.56
C HIS A 258 -20.82 13.01 25.70
N ILE A 259 -21.20 14.28 25.81
CA ILE A 259 -22.17 14.73 26.82
C ILE A 259 -23.57 14.24 26.53
N ARG A 260 -23.90 14.25 25.25
CA ARG A 260 -25.21 13.86 24.82
C ARG A 260 -25.46 12.36 24.73
N GLN A 261 -24.38 11.60 24.68
CA GLN A 261 -24.49 10.14 24.49
C GLN A 261 -25.33 9.36 25.49
N PRO A 262 -25.22 9.65 26.81
CA PRO A 262 -25.99 8.82 27.74
C PRO A 262 -27.51 8.88 27.61
N LEU A 263 -28.05 9.95 27.06
CA LEU A 263 -29.49 10.05 26.98
C LEU A 263 -30.09 9.61 25.68
N VAL A 264 -29.48 8.66 25.00
CA VAL A 264 -30.04 8.36 23.69
C VAL A 264 -31.09 7.28 23.75
N GLY A 265 -30.83 6.19 24.44
CA GLY A 265 -31.86 5.17 24.50
C GLY A 265 -33.06 5.53 25.37
N VAL A 266 -32.86 6.48 26.27
CA VAL A 266 -33.73 6.66 27.42
C VAL A 266 -34.96 7.51 27.14
N ASP A 267 -35.98 7.34 27.97
CA ASP A 267 -37.18 8.16 27.91
C ASP A 267 -37.54 8.63 29.31
N VAL A 268 -38.53 9.50 29.41
CA VAL A 268 -38.95 10.00 30.70
C VAL A 268 -40.49 9.75 30.81
N LEU A 269 -40.97 9.23 31.94
CA LEU A 269 -40.16 9.00 33.10
C LEU A 269 -39.78 7.55 33.16
N THR A 270 -38.53 7.33 33.50
CA THR A 270 -37.94 6.03 33.74
C THR A 270 -36.73 6.34 34.55
N PRO A 271 -36.55 5.63 35.65
CA PRO A 271 -35.43 5.89 36.53
C PRO A 271 -34.07 5.99 35.81
N ALA A 272 -33.94 5.44 34.61
CA ALA A 272 -32.69 5.56 33.85
C ALA A 272 -32.37 7.00 33.41
N PHE A 273 -33.41 7.80 33.23
CA PHE A 273 -33.27 9.17 32.76
C PHE A 273 -32.54 10.08 33.76
N PRO A 274 -32.98 10.10 35.02
CA PRO A 274 -32.19 10.99 35.88
C PRO A 274 -30.75 10.54 36.04
N LYS A 275 -30.49 9.24 36.05
CA LYS A 275 -29.13 8.76 36.22
C LYS A 275 -28.27 9.25 35.06
N ALA A 276 -28.81 9.04 33.86
CA ALA A 276 -28.18 9.47 32.61
C ALA A 276 -27.97 10.97 32.54
N LEU A 277 -28.92 11.71 33.07
CA LEU A 277 -28.80 13.14 33.08
C LEU A 277 -27.61 13.50 33.95
N ARG A 278 -27.51 12.91 35.13
CA ARG A 278 -26.37 13.18 36.02
C ARG A 278 -25.05 12.83 35.33
N GLU A 279 -25.02 11.69 34.62
CA GLU A 279 -23.82 11.33 33.86
C GLU A 279 -23.48 12.37 32.80
N SER A 280 -24.50 12.77 32.05
CA SER A 280 -24.36 13.75 31.00
C SER A 280 -23.80 15.04 31.54
N LEU A 281 -24.29 15.43 32.71
CA LEU A 281 -23.91 16.70 33.32
C LEU A 281 -22.49 16.62 33.84
N ALA A 282 -22.11 15.44 34.33
CA ALA A 282 -20.75 15.19 34.75
C ALA A 282 -19.79 15.36 33.56
N ARG A 283 -20.25 14.90 32.41
CA ARG A 283 -19.46 14.98 31.22
C ARG A 283 -19.35 16.46 30.87
N LEU A 284 -20.45 17.17 31.09
CA LEU A 284 -20.49 18.58 30.73
C LEU A 284 -19.56 19.43 31.59
N LYS A 285 -19.52 19.14 32.88
CA LYS A 285 -18.62 19.85 33.79
C LYS A 285 -17.19 19.61 33.36
N ALA A 286 -16.91 18.32 33.10
CA ALA A 286 -15.57 17.95 32.66
C ALA A 286 -15.20 18.63 31.37
N ALA A 287 -16.21 18.92 30.54
CA ALA A 287 -15.98 19.55 29.25
C ALA A 287 -15.65 21.01 29.43
N LEU A 288 -16.35 21.65 30.35
CA LEU A 288 -16.15 23.07 30.58
C LEU A 288 -14.83 23.35 31.24
N GLN A 289 -14.31 22.36 31.96
CA GLN A 289 -13.01 22.50 32.59
C GLN A 289 -11.83 22.10 31.66
N SER A 290 -12.11 21.39 30.55
CA SER A 290 -11.04 20.96 29.66
C SER A 290 -10.50 22.15 28.87
N THR A 291 -9.36 21.93 28.25
CA THR A 291 -8.77 22.95 27.40
C THR A 291 -9.43 22.88 26.04
N THR A 292 -10.56 23.55 25.90
CA THR A 292 -11.38 23.39 24.70
C THR A 292 -12.08 24.71 24.33
N ASP A 293 -12.57 24.83 23.11
CA ASP A 293 -13.35 26.02 22.76
C ASP A 293 -14.61 26.05 23.60
N ARG A 294 -14.61 26.93 24.59
CA ARG A 294 -15.73 27.00 25.51
C ARG A 294 -16.95 27.61 24.80
N LYS A 295 -16.70 28.55 23.89
CA LYS A 295 -17.81 29.24 23.25
C LYS A 295 -18.65 28.33 22.38
N ALA A 296 -18.00 27.56 21.50
CA ALA A 296 -18.69 26.61 20.61
C ALA A 296 -19.44 25.55 21.39
N LEU A 297 -18.74 25.02 22.39
CA LEU A 297 -19.32 24.02 23.26
C LEU A 297 -20.54 24.52 23.99
N ALA A 298 -20.44 25.74 24.51
CA ALA A 298 -21.55 26.36 25.23
C ALA A 298 -22.72 26.55 24.29
N THR A 299 -22.45 26.92 23.05
CA THR A 299 -23.54 27.09 22.11
C THR A 299 -24.31 25.80 21.86
N LYS A 300 -23.56 24.77 21.49
CA LYS A 300 -24.15 23.47 21.24
C LYS A 300 -24.95 23.00 22.44
N MET A 301 -24.31 23.10 23.61
CA MET A 301 -24.88 22.59 24.86
C MET A 301 -26.12 23.33 25.31
N VAL A 302 -26.15 24.64 25.09
CA VAL A 302 -27.35 25.43 25.35
C VAL A 302 -28.50 24.96 24.47
N ALA A 303 -28.19 24.74 23.20
CA ALA A 303 -29.23 24.23 22.31
C ALA A 303 -29.75 22.90 22.82
N TRP A 304 -28.83 22.04 23.26
CA TRP A 304 -29.19 20.73 23.75
C TRP A 304 -30.13 20.83 24.97
N MET A 305 -29.77 21.67 25.94
CA MET A 305 -30.58 21.82 27.13
C MET A 305 -31.91 22.44 26.84
N ASP A 306 -31.95 23.35 25.87
CA ASP A 306 -33.21 23.95 25.46
C ASP A 306 -34.11 22.85 24.94
N GLY A 307 -33.53 21.97 24.12
CA GLY A 307 -34.25 20.81 23.63
C GLY A 307 -34.78 19.94 24.75
N ILE A 308 -34.03 19.81 25.84
CA ILE A 308 -34.44 18.96 26.97
C ILE A 308 -35.57 19.59 27.74
N LEU A 309 -35.42 20.89 28.04
CA LEU A 309 -36.39 21.69 28.79
C LEU A 309 -37.70 21.80 28.00
N ALA A 310 -37.59 21.60 26.69
CA ALA A 310 -38.71 21.64 25.77
C ALA A 310 -39.70 20.51 26.07
N ILE A 311 -39.17 19.39 26.51
CA ILE A 311 -39.99 18.22 26.80
C ILE A 311 -41.05 18.51 27.87
N GLU A 312 -42.16 17.78 27.79
CA GLU A 312 -43.25 17.87 28.76
C GLU A 312 -43.03 16.93 29.94
N LYS A 313 -43.67 17.23 31.07
CA LYS A 313 -43.58 16.38 32.28
C LYS A 313 -42.12 16.14 32.70
N LEU A 314 -41.33 17.19 32.65
CA LEU A 314 -39.98 17.15 33.19
C LEU A 314 -40.03 17.52 34.67
N ASP A 315 -39.22 16.85 35.48
CA ASP A 315 -39.19 17.08 36.93
C ASP A 315 -38.85 18.54 37.24
N ALA A 316 -39.46 19.06 38.30
CA ALA A 316 -39.25 20.46 38.68
C ALA A 316 -37.80 20.77 39.10
N ALA A 317 -37.25 19.97 40.03
CA ALA A 317 -35.88 20.16 40.49
C ALA A 317 -34.89 20.04 39.32
N ILE A 318 -35.17 19.11 38.40
CA ILE A 318 -34.40 18.91 37.16
C ILE A 318 -34.46 20.12 36.23
N ARG A 319 -35.65 20.70 36.10
CA ARG A 319 -35.86 21.91 35.31
C ARG A 319 -35.03 23.03 35.88
N THR A 320 -35.10 23.19 37.19
CA THR A 320 -34.40 24.25 37.89
C THR A 320 -32.89 24.11 37.73
N VAL A 321 -32.38 22.91 38.02
CA VAL A 321 -30.94 22.71 37.97
C VAL A 321 -30.44 22.84 36.52
N LEU A 322 -31.23 22.39 35.54
CA LEU A 322 -30.82 22.57 34.15
C LEU A 322 -30.80 24.03 33.74
N GLU A 323 -31.81 24.78 34.15
CA GLU A 323 -31.91 26.20 33.86
C GLU A 323 -30.74 26.97 34.50
N HIS A 324 -30.37 26.59 35.71
CA HIS A 324 -29.24 27.23 36.38
C HIS A 324 -28.00 26.93 35.60
N THR A 325 -27.82 25.65 35.28
CA THR A 325 -26.69 25.20 34.49
C THR A 325 -26.56 25.95 33.14
N LYS A 326 -27.68 26.19 32.45
CA LYS A 326 -27.72 26.99 31.22
C LYS A 326 -27.39 28.47 31.42
N ARG A 327 -27.97 29.04 32.46
CA ARG A 327 -27.76 30.43 32.82
C ARG A 327 -26.28 30.65 33.09
N SER A 328 -25.62 29.60 33.58
CA SER A 328 -24.18 29.63 33.79
C SER A 328 -23.47 29.88 32.47
N LEU A 329 -24.02 29.36 31.39
CA LEU A 329 -23.47 29.57 30.06
C LEU A 329 -24.01 30.87 29.43
N HIS B 6 -9.43 1.71 30.39
CA HIS B 6 -9.53 3.05 30.96
C HIS B 6 -9.01 4.10 29.99
N ALA B 7 -8.91 5.33 30.47
CA ALA B 7 -8.51 6.45 29.62
C ALA B 7 -7.14 6.32 28.96
N SER B 8 -6.13 5.70 29.59
CA SER B 8 -4.88 5.55 28.85
C SER B 8 -5.07 4.67 27.64
N GLN B 9 -5.86 3.61 27.78
CA GLN B 9 -6.13 2.76 26.63
C GLN B 9 -6.78 3.57 25.53
N ALA B 10 -7.83 4.32 25.88
CA ALA B 10 -8.53 5.15 24.91
C ALA B 10 -7.59 6.11 24.23
N ARG B 11 -6.75 6.79 25.02
CA ARG B 11 -5.79 7.75 24.47
C ARG B 11 -4.83 7.10 23.50
N THR B 12 -4.20 6.00 23.92
CA THR B 12 -3.22 5.28 23.10
C THR B 12 -3.88 4.76 21.85
N PHE B 13 -5.09 4.25 21.98
CA PHE B 13 -5.85 3.81 20.82
C PHE B 13 -5.96 4.94 19.80
N GLY B 14 -6.27 6.11 20.28
CA GLY B 14 -6.33 7.28 19.43
C GLY B 14 -5.00 7.57 18.78
N ILE B 15 -3.91 7.44 19.53
CA ILE B 15 -2.58 7.65 18.96
C ILE B 15 -2.41 6.81 17.72
N PHE B 16 -2.62 5.51 17.92
CA PHE B 16 -2.51 4.56 16.82
C PHE B 16 -3.47 4.84 15.67
N GLU B 17 -4.71 5.14 16.02
CA GLU B 17 -5.80 5.34 15.08
C GLU B 17 -5.47 6.49 14.12
N ARG B 18 -5.01 7.59 14.70
CA ARG B 18 -4.56 8.71 13.93
C ARG B 18 -3.29 8.41 13.13
N ALA B 19 -2.43 7.55 13.67
CA ALA B 19 -1.20 7.20 12.94
C ALA B 19 -1.52 6.41 11.69
N VAL B 20 -2.32 5.36 11.80
CA VAL B 20 -2.66 4.55 10.63
C VAL B 20 -3.61 5.30 9.72
N LEU B 21 -4.28 6.33 10.21
CA LEU B 21 -5.07 7.15 9.28
C LEU B 21 -4.15 8.02 8.44
N LYS B 22 -3.11 8.54 9.08
CA LYS B 22 -2.14 9.37 8.38
C LYS B 22 -1.48 8.50 7.33
N HIS B 23 -0.92 7.37 7.78
CA HIS B 23 -0.27 6.48 6.85
C HIS B 23 -0.66 5.05 6.99
N PRO B 24 -1.66 4.65 6.19
CA PRO B 24 -2.17 3.28 6.27
C PRO B 24 -1.24 2.33 5.55
N GLY B 25 -0.31 2.85 4.78
CA GLY B 25 0.61 1.98 4.08
C GLY B 25 1.61 1.31 4.98
N SER B 26 1.90 1.90 6.16
CA SER B 26 2.94 1.37 7.06
C SER B 26 2.49 0.15 7.84
N ILE B 27 3.04 -0.99 7.47
CA ILE B 27 2.61 -2.23 8.08
C ILE B 27 3.10 -2.24 9.49
N GLU B 28 4.25 -1.64 9.73
CA GLU B 28 4.83 -1.66 11.08
C GLU B 28 3.89 -1.03 12.08
N LEU B 29 3.23 0.03 11.62
CA LEU B 29 2.29 0.77 12.42
C LEU B 29 1.13 -0.14 12.81
N TRP B 30 0.56 -0.83 11.84
CA TRP B 30 -0.52 -1.77 12.12
C TRP B 30 -0.10 -2.86 13.07
N LEU B 31 1.07 -3.41 12.84
CA LEU B 31 1.52 -4.50 13.67
C LEU B 31 1.64 -4.02 15.09
N ALA B 32 2.16 -2.81 15.25
CA ALA B 32 2.33 -2.20 16.56
C ALA B 32 0.99 -1.97 17.30
N TYR B 33 0.02 -1.40 16.60
CA TYR B 33 -1.32 -1.20 17.12
C TYR B 33 -1.93 -2.53 17.53
N LEU B 34 -1.81 -3.52 16.66
CA LEU B 34 -2.31 -4.84 16.98
C LEU B 34 -1.70 -5.41 18.23
N GLU B 35 -0.39 -5.21 18.36
CA GLU B 35 0.34 -5.72 19.49
C GLU B 35 -0.21 -5.08 20.75
N PHE B 36 -0.40 -3.77 20.66
CA PHE B 36 -0.88 -3.03 21.80
C PHE B 36 -2.25 -3.46 22.21
N ALA B 37 -3.16 -3.56 21.27
CA ALA B 37 -4.53 -3.98 21.55
C ALA B 37 -4.52 -5.33 22.21
N ALA B 38 -3.63 -6.18 21.72
CA ALA B 38 -3.53 -7.53 22.24
C ALA B 38 -3.02 -7.59 23.72
N GLN B 39 -2.11 -6.69 24.06
CA GLN B 39 -1.55 -6.75 25.39
C GLN B 39 -2.55 -6.23 26.41
N VAL B 40 -3.48 -5.41 25.97
CA VAL B 40 -4.54 -4.93 26.84
C VAL B 40 -5.79 -5.78 26.79
N LYS B 41 -5.72 -6.89 26.09
CA LYS B 41 -6.84 -7.84 26.00
C LYS B 41 -8.10 -7.23 25.38
N ALA B 42 -7.90 -6.30 24.45
CA ALA B 42 -8.99 -5.71 23.69
C ALA B 42 -9.34 -6.55 22.49
N THR B 43 -9.97 -7.72 22.67
CA THR B 43 -10.08 -8.66 21.54
C THR B 43 -10.99 -8.19 20.40
N LYS B 44 -12.10 -7.55 20.73
CA LYS B 44 -13.00 -7.03 19.68
C LYS B 44 -12.24 -6.03 18.77
N ARG B 45 -11.57 -5.09 19.42
CA ARG B 45 -10.79 -4.10 18.69
C ARG B 45 -9.67 -4.76 17.90
N TRP B 46 -9.08 -5.83 18.47
CA TRP B 46 -8.02 -6.55 17.76
C TRP B 46 -8.57 -7.13 16.46
N ARG B 47 -9.75 -7.70 16.54
CA ARG B 47 -10.36 -8.23 15.35
C ARG B 47 -10.71 -7.16 14.32
N ARG B 48 -11.22 -6.04 14.82
CA ARG B 48 -11.63 -5.00 13.91
C ARG B 48 -10.39 -4.46 13.19
N ILE B 49 -9.33 -4.23 13.96
CA ILE B 49 -8.11 -3.70 13.33
C ILE B 49 -7.42 -4.74 12.48
N MET B 50 -7.61 -6.03 12.78
CA MET B 50 -7.04 -7.04 11.90
C MET B 50 -7.75 -6.96 10.56
N THR B 51 -9.07 -6.86 10.62
CA THR B 51 -9.89 -6.80 9.41
C THR B 51 -9.49 -5.63 8.54
N ARG B 52 -9.42 -4.46 9.14
CA ARG B 52 -9.08 -3.29 8.40
C ARG B 52 -7.67 -3.39 7.83
N ALA B 53 -6.72 -3.83 8.66
CA ALA B 53 -5.31 -3.95 8.24
C ALA B 53 -5.11 -4.88 7.05
N LEU B 54 -5.73 -6.06 7.13
CA LEU B 54 -5.65 -7.06 6.07
C LEU B 54 -6.41 -6.63 4.83
N ARG B 55 -7.43 -5.80 5.05
CA ARG B 55 -8.17 -5.22 3.95
C ARG B 55 -7.18 -4.41 3.15
N LEU B 56 -6.31 -3.70 3.85
CA LEU B 56 -5.44 -2.83 3.13
C LEU B 56 -4.14 -3.49 2.74
N HIS B 57 -3.86 -4.62 3.36
CA HIS B 57 -2.62 -5.36 3.07
C HIS B 57 -2.88 -6.85 2.96
N PRO B 58 -3.64 -7.25 1.94
CA PRO B 58 -4.08 -8.63 1.99
C PRO B 58 -2.94 -9.60 1.74
N MET B 59 -1.90 -9.18 1.02
CA MET B 59 -0.91 -10.18 0.76
C MET B 59 0.32 -9.94 1.62
N ASN B 60 0.12 -9.48 2.87
CA ASN B 60 1.21 -9.40 3.86
C ASN B 60 1.22 -10.58 4.85
N ALA B 61 2.29 -11.37 4.81
CA ALA B 61 2.35 -12.63 5.59
C ALA B 61 2.21 -12.45 7.08
N SER B 62 2.85 -11.39 7.58
CA SER B 62 2.94 -11.02 9.00
C SER B 62 1.58 -10.97 9.67
N LEU B 63 0.68 -10.31 8.95
CA LEU B 63 -0.68 -10.14 9.40
C LEU B 63 -1.38 -11.48 9.43
N TRP B 64 -1.33 -12.18 8.31
CA TRP B 64 -1.98 -13.48 8.26
C TRP B 64 -1.50 -14.48 9.34
N THR B 65 -0.18 -14.61 9.49
CA THR B 65 0.40 -15.50 10.53
C THR B 65 -0.07 -15.09 11.89
N LEU B 66 -0.16 -13.77 12.10
CA LEU B 66 -0.58 -13.25 13.38
C LEU B 66 -2.00 -13.76 13.70
N ALA B 67 -2.89 -13.66 12.72
CA ALA B 67 -4.25 -14.16 12.88
C ALA B 67 -4.33 -15.65 13.13
N GLY B 68 -3.59 -16.39 12.32
CA GLY B 68 -3.58 -17.84 12.45
C GLY B 68 -3.00 -18.31 13.77
N ARG B 69 -1.88 -17.73 14.19
CA ARG B 69 -1.21 -18.07 15.43
C ARG B 69 -2.15 -17.75 16.56
N ARG B 70 -2.86 -16.64 16.41
CA ARG B 70 -3.77 -16.23 17.48
C ARG B 70 -4.87 -17.25 17.63
N ALA B 71 -5.40 -17.74 16.51
CA ALA B 71 -6.48 -18.72 16.59
C ALA B 71 -5.99 -20.03 17.22
N ALA B 72 -4.73 -20.36 16.93
CA ALA B 72 -4.16 -21.60 17.44
C ALA B 72 -3.94 -21.51 18.93
N GLN B 73 -3.55 -20.33 19.38
CA GLN B 73 -3.32 -20.15 20.81
C GLN B 73 -4.62 -20.23 21.60
N ASN B 74 -5.73 -19.91 20.94
CA ASN B 74 -7.02 -20.02 21.58
C ASN B 74 -7.50 -21.45 21.63
N GLY B 75 -6.85 -22.35 20.90
CA GLY B 75 -7.19 -23.75 21.08
C GLY B 75 -7.90 -24.47 19.95
N ASP B 76 -8.48 -23.74 19.01
CA ASP B 76 -9.07 -24.43 17.87
C ASP B 76 -8.19 -24.28 16.63
N MET B 77 -7.61 -25.40 16.21
CA MET B 77 -6.76 -25.41 15.04
C MET B 77 -7.58 -25.26 13.77
N GLN B 78 -8.89 -25.47 13.84
CA GLN B 78 -9.67 -25.35 12.61
C GLN B 78 -9.58 -23.91 12.07
N ARG B 79 -9.91 -22.91 12.91
CA ARG B 79 -9.76 -21.55 12.41
C ARG B 79 -8.30 -21.22 12.10
N ALA B 80 -7.38 -21.75 12.89
CA ALA B 80 -5.98 -21.49 12.61
C ALA B 80 -5.63 -21.90 11.20
N ARG B 81 -5.98 -23.13 10.89
CA ARG B 81 -5.76 -23.76 9.61
C ARG B 81 -6.47 -22.99 8.52
N ALA B 82 -7.70 -22.59 8.82
CA ALA B 82 -8.52 -21.83 7.90
C ALA B 82 -7.81 -20.55 7.43
N HIS B 83 -7.40 -19.76 8.40
CA HIS B 83 -6.71 -18.52 8.15
C HIS B 83 -5.40 -18.72 7.41
N PHE B 84 -4.59 -19.68 7.84
CA PHE B 84 -3.30 -19.92 7.18
C PHE B 84 -3.49 -20.31 5.71
N LEU B 85 -4.49 -21.13 5.46
CA LEU B 85 -4.73 -21.60 4.11
C LEU B 85 -5.18 -20.45 3.22
N ARG B 86 -6.09 -19.61 3.75
CA ARG B 86 -6.58 -18.41 3.06
C ARG B 86 -5.43 -17.49 2.68
N GLY B 87 -4.64 -17.20 3.68
CA GLY B 87 -3.49 -16.35 3.47
C GLY B 87 -2.54 -16.93 2.43
N CYS B 88 -2.37 -18.24 2.44
CA CYS B 88 -1.46 -18.84 1.48
C CYS B 88 -1.99 -18.69 0.08
N ARG B 89 -3.30 -18.59 -0.07
CA ARG B 89 -3.83 -18.28 -1.39
C ARG B 89 -3.43 -16.86 -1.80
N PHE B 90 -3.43 -15.96 -0.82
CA PHE B 90 -3.01 -14.58 -1.12
C PHE B 90 -1.49 -14.41 -1.22
N CYS B 91 -0.78 -14.75 -0.14
CA CYS B 91 0.67 -14.60 -0.04
C CYS B 91 1.41 -15.71 -0.78
N THR B 92 1.84 -15.42 -2.00
CA THR B 92 2.38 -16.47 -2.82
C THR B 92 3.71 -16.15 -3.51
N ARG B 93 4.29 -14.97 -3.24
CA ARG B 93 5.58 -14.56 -3.83
C ARG B 93 6.71 -14.59 -2.82
N GLU B 94 6.39 -15.00 -1.61
CA GLU B 94 7.30 -15.02 -0.47
C GLU B 94 7.01 -16.21 0.45
N PRO B 95 8.05 -16.97 0.83
CA PRO B 95 7.91 -18.21 1.59
C PRO B 95 7.26 -18.03 2.95
N THR B 96 7.34 -16.82 3.48
CA THR B 96 6.97 -16.53 4.87
C THR B 96 5.71 -17.18 5.42
N LEU B 97 4.59 -16.93 4.77
CA LEU B 97 3.35 -17.44 5.32
C LEU B 97 3.34 -18.96 5.29
N TRP B 98 3.88 -19.56 4.21
CA TRP B 98 3.93 -21.02 4.11
C TRP B 98 4.80 -21.60 5.23
N LEU B 99 5.95 -20.96 5.47
CA LEU B 99 6.83 -21.40 6.55
C LEU B 99 6.12 -21.31 7.87
N GLU B 100 5.40 -20.22 8.11
CA GLU B 100 4.74 -20.05 9.41
C GLU B 100 3.58 -20.97 9.62
N TYR B 101 2.96 -21.37 8.51
CA TYR B 101 1.89 -22.37 8.53
C TYR B 101 2.47 -23.71 8.90
N ALA B 102 3.58 -24.07 8.24
CA ALA B 102 4.25 -25.32 8.57
C ALA B 102 4.62 -25.33 10.04
N ARG B 103 5.19 -24.23 10.52
CA ARG B 103 5.56 -24.10 11.91
C ARG B 103 4.36 -24.27 12.86
N CYS B 104 3.27 -23.61 12.54
CA CYS B 104 2.09 -23.70 13.37
C CYS B 104 1.56 -25.12 13.40
N GLU B 105 1.69 -25.79 12.26
CA GLU B 105 1.26 -27.17 12.15
C GLU B 105 2.07 -28.05 13.11
N MET B 106 3.39 -27.84 13.08
CA MET B 106 4.33 -28.55 13.96
C MET B 106 4.10 -28.27 15.44
N ASP B 107 3.75 -27.02 15.75
CA ASP B 107 3.43 -26.64 17.10
C ASP B 107 2.24 -27.42 17.58
N TRP B 108 1.24 -27.50 16.73
CA TRP B 108 0.08 -28.29 17.11
C TRP B 108 0.52 -29.70 17.38
N LEU B 109 1.48 -30.20 16.61
CA LEU B 109 1.95 -31.58 16.85
C LEU B 109 2.59 -31.75 18.22
N ALA B 110 3.44 -30.80 18.59
CA ALA B 110 4.09 -30.85 19.89
C ALA B 110 3.04 -30.82 20.99
N ARG B 111 1.99 -30.01 20.79
CA ARG B 111 0.91 -29.93 21.76
C ARG B 111 0.11 -31.24 21.83
N MET B 112 -0.16 -31.83 20.68
CA MET B 112 -0.96 -33.05 20.62
C MET B 112 -0.20 -34.22 21.22
N GLU B 113 1.13 -34.22 21.03
CA GLU B 113 1.99 -35.25 21.60
C GLU B 113 2.15 -35.00 23.12
N ALA B 114 2.10 -33.73 23.52
CA ALA B 114 2.19 -33.39 24.93
C ALA B 114 0.95 -33.90 25.65
N LYS B 115 -0.20 -33.81 25.00
CA LYS B 115 -1.43 -34.34 25.59
C LYS B 115 -1.45 -35.88 25.61
N LYS B 116 -0.77 -36.50 24.65
CA LYS B 116 -0.62 -37.96 24.57
C LYS B 116 0.35 -38.55 25.63
N GLU B 156 -15.81 -13.41 17.57
CA GLU B 156 -15.12 -13.49 16.29
C GLU B 156 -15.93 -12.78 15.21
N ASP B 157 -17.05 -12.19 15.62
CA ASP B 157 -17.93 -11.44 14.72
C ASP B 157 -17.14 -10.43 13.88
N GLY B 158 -16.37 -9.60 14.60
CA GLY B 158 -15.53 -8.58 14.01
C GLY B 158 -14.41 -9.00 13.07
N LEU B 159 -13.92 -10.24 13.16
CA LEU B 159 -12.83 -10.66 12.25
C LEU B 159 -13.38 -11.06 10.87
N ILE B 160 -12.99 -10.29 9.86
CA ILE B 160 -13.41 -10.46 8.49
C ILE B 160 -12.20 -10.54 7.58
N LEU B 161 -12.01 -11.68 6.93
CA LEU B 161 -10.80 -11.87 6.10
C LEU B 161 -11.07 -11.67 4.64
N PRO B 162 -10.07 -11.19 3.90
CA PRO B 162 -10.24 -11.02 2.47
C PRO B 162 -10.77 -12.28 1.79
N ASP B 163 -11.69 -12.08 0.87
CA ASP B 163 -12.25 -13.18 0.07
C ASP B 163 -11.29 -13.56 -1.08
N PRO B 164 -10.83 -14.83 -1.09
CA PRO B 164 -9.92 -15.35 -2.12
C PRO B 164 -10.63 -15.55 -3.43
N ASP B 165 -11.90 -15.96 -3.33
CA ASP B 165 -12.71 -16.22 -4.50
C ASP B 165 -13.42 -14.95 -4.92
N ALA B 166 -12.80 -13.82 -4.66
CA ALA B 166 -13.38 -12.54 -5.01
C ALA B 166 -12.66 -11.99 -6.22
N GLU B 167 -13.42 -11.40 -7.12
CA GLU B 167 -12.94 -10.97 -8.42
C GLU B 167 -12.54 -9.54 -8.41
N GLY B 168 -11.60 -9.17 -9.27
CA GLY B 168 -11.18 -7.79 -9.40
C GLY B 168 -12.14 -6.92 -10.20
N THR B 169 -11.71 -5.72 -10.57
CA THR B 169 -12.52 -4.80 -11.37
C THR B 169 -12.87 -5.47 -12.70
N ASP B 170 -11.87 -6.16 -13.26
CA ASP B 170 -12.05 -6.99 -14.45
C ASP B 170 -12.32 -8.43 -13.97
N GLY B 171 -12.21 -9.41 -14.87
CA GLY B 171 -12.54 -10.77 -14.48
C GLY B 171 -11.63 -11.45 -13.46
N THR B 172 -10.36 -11.05 -13.41
CA THR B 172 -9.34 -11.73 -12.58
C THR B 172 -9.58 -11.92 -11.08
N LYS B 173 -9.20 -13.10 -10.58
CA LYS B 173 -9.29 -13.38 -9.15
C LYS B 173 -8.20 -12.64 -8.40
N LYS B 174 -8.40 -12.50 -7.09
CA LYS B 174 -7.40 -11.86 -6.23
C LYS B 174 -6.43 -12.84 -5.59
N ALA B 175 -6.79 -14.10 -5.58
CA ALA B 175 -6.00 -15.13 -4.90
C ALA B 175 -5.89 -16.40 -5.75
N ALA B 176 -4.79 -17.15 -5.64
CA ALA B 176 -4.71 -18.40 -6.35
C ALA B 176 -5.73 -19.45 -5.83
N LYS B 177 -5.88 -20.54 -6.59
CA LYS B 177 -6.75 -21.66 -6.18
C LYS B 177 -6.37 -22.14 -4.79
N PRO B 178 -7.29 -22.76 -4.08
CA PRO B 178 -6.99 -23.29 -2.75
C PRO B 178 -5.75 -24.20 -2.71
N VAL B 179 -4.99 -24.12 -1.63
CA VAL B 179 -3.75 -24.88 -1.48
C VAL B 179 -4.03 -26.36 -1.60
N PHE B 180 -5.17 -26.71 -1.02
CA PHE B 180 -5.58 -28.09 -0.93
C PHE B 180 -6.98 -28.24 -1.42
N ASP B 181 -7.20 -29.28 -2.23
CA ASP B 181 -8.54 -29.69 -2.67
C ASP B 181 -9.32 -30.29 -1.50
N ALA B 182 -10.64 -30.28 -1.60
CA ALA B 182 -11.52 -30.80 -0.57
C ALA B 182 -11.23 -32.27 -0.22
N GLU B 183 -11.02 -33.05 -1.28
CA GLU B 183 -10.65 -34.45 -1.12
C GLU B 183 -9.36 -34.54 -0.36
N GLN B 184 -8.38 -33.72 -0.75
CA GLN B 184 -7.05 -33.69 -0.10
C GLN B 184 -7.13 -33.31 1.36
N THR B 185 -7.92 -32.28 1.66
CA THR B 185 -8.10 -31.81 3.04
C THR B 185 -8.66 -32.96 3.86
N LYS B 186 -9.64 -33.65 3.29
CA LYS B 186 -10.24 -34.77 4.00
C LYS B 186 -9.21 -35.87 4.26
N LYS B 187 -8.33 -36.15 3.29
CA LYS B 187 -7.32 -37.18 3.51
C LYS B 187 -6.30 -36.75 4.52
N LEU B 188 -6.08 -35.44 4.64
CA LEU B 188 -5.09 -34.96 5.62
C LEU B 188 -5.72 -34.94 7.02
N GLU B 189 -7.01 -34.71 7.09
CA GLU B 189 -7.71 -34.71 8.35
C GLU B 189 -7.80 -36.14 8.88
N GLN B 190 -8.15 -37.09 8.01
CA GLN B 190 -8.27 -38.48 8.42
C GLN B 190 -6.93 -39.09 8.73
N SER B 191 -5.86 -38.49 8.21
CA SER B 191 -4.50 -38.96 8.41
C SER B 191 -4.17 -39.00 9.89
N PRO B 192 -3.36 -40.00 10.32
CA PRO B 192 -2.97 -40.15 11.72
C PRO B 192 -2.37 -38.86 12.26
N ALA B 193 -2.75 -38.47 13.48
CA ALA B 193 -2.41 -37.16 14.00
C ALA B 193 -0.90 -36.98 14.20
N LEU B 194 -0.21 -38.03 14.63
CA LEU B 194 1.19 -37.87 14.96
C LEU B 194 2.07 -38.26 13.79
N SER B 195 1.48 -38.40 12.61
CA SER B 195 2.29 -38.80 11.45
C SER B 195 3.08 -37.64 10.88
N GLY B 196 2.49 -36.45 10.87
CA GLY B 196 3.11 -35.29 10.25
C GLY B 196 2.92 -35.22 8.73
N ALA B 197 1.78 -35.75 8.28
CA ALA B 197 1.48 -35.78 6.88
C ALA B 197 1.20 -34.37 6.44
N ILE B 198 0.65 -33.58 7.34
CA ILE B 198 0.23 -32.24 6.97
C ILE B 198 1.39 -31.28 6.70
N PRO B 199 2.36 -31.17 7.62
CA PRO B 199 3.43 -30.27 7.20
C PRO B 199 4.18 -30.75 5.95
N ILE B 200 4.28 -32.05 5.75
CA ILE B 200 4.90 -32.55 4.52
C ILE B 200 4.10 -32.02 3.33
N ALA B 201 2.78 -32.09 3.44
CA ALA B 201 1.88 -31.67 2.39
C ALA B 201 2.03 -30.19 2.02
N VAL B 202 2.19 -29.37 3.06
CA VAL B 202 2.41 -27.94 2.93
C VAL B 202 3.66 -27.71 2.15
N PHE B 203 4.69 -28.47 2.52
CA PHE B 203 5.98 -28.42 1.83
C PHE B 203 5.82 -28.75 0.35
N ASP B 204 5.15 -29.87 0.09
CA ASP B 204 4.95 -30.34 -1.28
C ASP B 204 4.22 -29.35 -2.14
N VAL B 205 3.21 -28.69 -1.59
CA VAL B 205 2.51 -27.71 -2.37
C VAL B 205 3.31 -26.43 -2.56
N ALA B 206 4.11 -26.06 -1.56
CA ALA B 206 4.96 -24.86 -1.68
C ALA B 206 5.95 -25.03 -2.84
N ARG B 207 6.26 -26.28 -3.10
CA ARG B 207 7.09 -26.63 -4.23
C ARG B 207 6.42 -26.16 -5.56
N LYS B 208 5.09 -26.07 -5.56
CA LYS B 208 4.32 -25.65 -6.75
C LYS B 208 4.24 -24.12 -6.86
N GLN B 209 4.57 -23.40 -5.78
CA GLN B 209 4.46 -21.92 -5.71
C GLN B 209 5.55 -21.14 -6.44
N PRO B 210 5.26 -19.87 -6.76
CA PRO B 210 6.19 -18.94 -7.42
C PRO B 210 7.51 -18.72 -6.68
N PHE B 211 7.47 -18.69 -5.35
CA PHE B 211 8.65 -18.40 -4.54
C PHE B 211 9.62 -19.55 -4.40
N TRP B 212 9.21 -20.72 -4.88
CA TRP B 212 9.98 -21.93 -4.65
C TRP B 212 11.37 -21.89 -5.26
N GLY B 213 12.33 -22.22 -4.40
CA GLY B 213 13.72 -22.35 -4.80
C GLY B 213 14.48 -23.04 -3.69
N PRO B 214 15.77 -23.25 -3.91
CA PRO B 214 16.64 -23.92 -2.94
C PRO B 214 16.68 -23.16 -1.61
N ALA B 215 16.66 -21.82 -1.65
CA ALA B 215 16.62 -21.01 -0.44
C ALA B 215 15.34 -21.24 0.38
N ALA B 216 14.19 -21.27 -0.30
CA ALA B 216 12.90 -21.58 0.32
C ALA B 216 12.92 -22.97 0.98
N ALA B 217 13.46 -23.94 0.24
CA ALA B 217 13.61 -25.32 0.72
C ALA B 217 14.46 -25.39 2.01
N GLU B 218 15.58 -24.70 2.02
CA GLU B 218 16.37 -24.63 3.25
C GLU B 218 15.58 -23.94 4.36
N LYS B 219 14.79 -22.92 4.05
CA LYS B 219 14.01 -22.28 5.09
C LYS B 219 13.03 -23.27 5.73
N PHE B 220 12.39 -24.10 4.91
CA PHE B 220 11.55 -25.16 5.47
C PHE B 220 12.35 -26.09 6.39
N PHE B 221 13.57 -26.41 5.96
CA PHE B 221 14.42 -27.26 6.77
C PHE B 221 14.67 -26.61 8.15
N ASP B 222 14.94 -25.31 8.15
CA ASP B 222 15.22 -24.58 9.37
C ASP B 222 14.01 -24.58 10.27
N VAL B 223 12.85 -24.39 9.69
CA VAL B 223 11.63 -24.45 10.47
C VAL B 223 11.50 -25.81 11.13
N PHE B 224 11.68 -26.88 10.38
CA PHE B 224 11.45 -28.23 10.92
C PHE B 224 12.55 -28.69 11.89
N ALA B 225 13.70 -28.07 11.78
CA ALA B 225 14.88 -28.48 12.49
C ALA B 225 14.77 -28.18 13.97
N LYS B 226 13.93 -27.22 14.35
CA LYS B 226 13.71 -27.00 15.77
C LYS B 226 12.58 -27.85 16.35
N PHE B 227 12.28 -28.99 15.75
CA PHE B 227 11.25 -29.82 16.36
C PHE B 227 11.77 -31.21 16.57
N GLY B 228 13.01 -31.28 17.04
CA GLY B 228 13.70 -32.53 17.22
C GLY B 228 13.01 -33.39 18.26
N HIS B 229 12.21 -32.79 19.14
CA HIS B 229 11.58 -33.57 20.20
C HIS B 229 10.32 -34.27 19.72
N LEU B 230 10.08 -34.29 18.42
CA LEU B 230 8.90 -34.97 17.91
C LEU B 230 9.34 -36.13 17.05
N SER B 231 8.56 -37.20 17.07
CA SER B 231 8.95 -38.40 16.34
C SER B 231 8.98 -38.17 14.81
N CYS B 232 7.97 -37.50 14.31
CA CYS B 232 7.89 -37.22 12.89
C CYS B 232 9.12 -36.44 12.37
N HIS B 233 9.80 -35.69 13.25
CA HIS B 233 10.82 -34.77 12.79
C HIS B 233 11.82 -35.49 11.87
N GLU B 234 12.04 -36.76 12.20
CA GLU B 234 12.96 -37.58 11.44
C GLU B 234 12.48 -37.76 10.00
N ARG B 235 11.25 -38.26 9.84
CA ARG B 235 10.66 -38.50 8.52
C ARG B 235 10.52 -37.24 7.69
N ILE B 236 10.10 -36.15 8.35
CA ILE B 236 9.93 -34.83 7.73
C ILE B 236 11.22 -34.23 7.20
N ILE B 237 12.22 -34.18 8.06
CA ILE B 237 13.52 -33.64 7.70
C ILE B 237 14.12 -34.44 6.56
N SER B 238 14.02 -35.75 6.67
CA SER B 238 14.54 -36.62 5.63
C SER B 238 13.83 -36.29 4.35
N HIS B 239 12.52 -36.05 4.44
CA HIS B 239 11.76 -35.71 3.23
C HIS B 239 12.28 -34.44 2.56
N VAL B 240 12.46 -33.39 3.36
CA VAL B 240 12.92 -32.08 2.88
C VAL B 240 14.31 -32.18 2.29
N VAL B 241 15.21 -32.84 3.00
CA VAL B 241 16.59 -32.99 2.55
C VAL B 241 16.68 -33.76 1.22
N THR B 242 16.02 -34.91 1.18
CA THR B 242 16.00 -35.75 -0.01
C THR B 242 15.50 -34.92 -1.16
N THR B 243 14.37 -34.28 -0.92
CA THR B 243 13.76 -33.44 -1.92
C THR B 243 14.73 -32.43 -2.49
N MET B 244 15.47 -31.76 -1.61
CA MET B 244 16.46 -30.79 -2.08
C MET B 244 17.55 -31.46 -2.92
N GLN B 245 18.00 -32.61 -2.45
CA GLN B 245 19.01 -33.38 -3.14
C GLN B 245 18.60 -33.83 -4.54
N GLU B 246 17.31 -34.02 -4.71
CA GLU B 246 16.78 -34.44 -5.99
C GLU B 246 16.57 -33.24 -6.89
N LEU B 247 15.99 -32.19 -6.34
CA LEU B 247 15.68 -31.02 -7.16
C LEU B 247 16.81 -30.07 -7.29
N PHE B 248 17.52 -29.87 -6.19
CA PHE B 248 18.61 -28.93 -6.22
C PHE B 248 19.89 -29.63 -5.87
N PRO B 249 20.43 -30.38 -6.83
CA PRO B 249 21.61 -31.22 -6.64
C PRO B 249 22.86 -30.35 -6.49
N ASN B 250 23.68 -30.64 -5.49
CA ASN B 250 24.91 -29.88 -5.26
C ASN B 250 24.70 -28.38 -5.03
N HIS B 251 23.52 -27.99 -4.59
CA HIS B 251 23.34 -26.59 -4.26
C HIS B 251 23.96 -26.32 -2.91
N PRO B 252 24.55 -25.12 -2.73
CA PRO B 252 25.06 -24.89 -1.38
C PRO B 252 23.97 -25.01 -0.31
N CYS B 253 22.70 -24.80 -0.68
CA CYS B 253 21.62 -24.93 0.28
C CYS B 253 21.43 -26.38 0.63
N THR B 254 21.50 -27.20 -0.40
CA THR B 254 21.30 -28.63 -0.25
C THR B 254 22.44 -29.19 0.58
N TRP B 255 23.63 -28.70 0.30
CA TRP B 255 24.76 -29.13 1.10
C TRP B 255 24.50 -28.69 2.53
N SER B 256 24.07 -27.45 2.74
CA SER B 256 23.87 -26.92 4.08
C SER B 256 22.96 -27.79 4.93
N VAL B 257 21.81 -28.11 4.37
CA VAL B 257 20.86 -28.94 5.12
C VAL B 257 21.43 -30.37 5.25
N HIS B 258 22.24 -30.82 4.29
CA HIS B 258 22.81 -32.16 4.36
C HIS B 258 23.77 -32.28 5.51
N ILE B 259 24.54 -31.24 5.71
CA ILE B 259 25.49 -31.19 6.78
C ILE B 259 24.81 -31.04 8.11
N ARG B 260 23.82 -30.16 8.16
CA ARG B 260 23.17 -29.88 9.45
C ARG B 260 22.21 -30.97 9.93
N GLN B 261 21.77 -31.82 9.01
CA GLN B 261 20.76 -32.86 9.31
C GLN B 261 21.07 -33.88 10.44
N PRO B 262 22.32 -34.33 10.53
CA PRO B 262 22.63 -35.30 11.60
C PRO B 262 22.43 -34.75 13.02
N LEU B 263 22.41 -33.42 13.19
CA LEU B 263 22.24 -32.85 14.53
C LEU B 263 20.86 -32.40 14.93
N VAL B 264 19.79 -32.99 14.41
CA VAL B 264 18.51 -32.39 14.80
C VAL B 264 17.88 -33.00 16.05
N GLY B 265 17.76 -34.32 16.09
CA GLY B 265 17.17 -34.93 17.26
C GLY B 265 18.08 -34.86 18.47
N VAL B 266 19.37 -34.58 18.24
CA VAL B 266 20.41 -34.75 19.25
C VAL B 266 20.66 -33.50 20.07
N ASP B 267 21.09 -33.68 21.32
CA ASP B 267 21.43 -32.59 22.22
C ASP B 267 22.77 -32.85 22.89
N VAL B 268 23.26 -31.87 23.64
CA VAL B 268 24.57 -31.98 24.25
C VAL B 268 24.56 -31.85 25.80
N LEU B 269 25.25 -32.76 26.50
CA LEU B 269 26.07 -33.79 25.89
C LEU B 269 25.42 -35.18 25.95
N THR B 270 25.61 -35.95 24.88
CA THR B 270 25.18 -37.33 24.80
C THR B 270 26.03 -37.84 23.64
N PRO B 271 26.62 -39.04 23.76
CA PRO B 271 27.55 -39.55 22.75
C PRO B 271 27.05 -39.44 21.30
N ALA B 272 25.73 -39.36 21.15
CA ALA B 272 25.15 -39.14 19.84
C ALA B 272 25.54 -37.75 19.37
N PHE B 273 25.80 -36.83 20.30
CA PHE B 273 26.21 -35.48 19.89
C PHE B 273 27.62 -35.48 19.27
N PRO B 274 28.62 -36.03 19.97
CA PRO B 274 29.89 -36.01 19.25
C PRO B 274 29.86 -36.88 18.01
N LYS B 275 29.13 -37.98 18.03
CA LYS B 275 29.07 -38.86 16.86
C LYS B 275 28.43 -38.12 15.68
N ALA B 276 27.30 -37.49 15.94
CA ALA B 276 26.55 -36.71 14.96
C ALA B 276 27.38 -35.57 14.42
N LEU B 277 28.14 -34.94 15.30
CA LEU B 277 29.00 -33.84 14.94
C LEU B 277 30.08 -34.33 13.98
N ARG B 278 30.73 -35.44 14.32
CA ARG B 278 31.75 -36.01 13.46
C ARG B 278 31.15 -36.30 12.08
N GLU B 279 29.93 -36.82 12.07
CA GLU B 279 29.22 -37.03 10.81
C GLU B 279 29.01 -35.72 10.02
N SER B 280 28.52 -34.68 10.68
CA SER B 280 28.34 -33.39 10.01
C SER B 280 29.62 -32.86 9.42
N LEU B 281 30.71 -33.03 10.15
CA LEU B 281 31.98 -32.50 9.69
C LEU B 281 32.48 -33.30 8.49
N ALA B 282 32.21 -34.59 8.53
CA ALA B 282 32.54 -35.41 7.39
C ALA B 282 31.79 -34.90 6.19
N ARG B 283 30.52 -34.55 6.41
CA ARG B 283 29.61 -34.10 5.34
C ARG B 283 30.13 -32.82 4.77
N LEU B 284 30.70 -32.02 5.66
CA LEU B 284 31.23 -30.72 5.33
C LEU B 284 32.47 -30.90 4.47
N LYS B 285 33.28 -31.90 4.81
CA LYS B 285 34.43 -32.21 3.99
C LYS B 285 34.02 -32.63 2.60
N ALA B 286 33.01 -33.48 2.54
CA ALA B 286 32.52 -33.91 1.25
C ALA B 286 32.04 -32.69 0.47
N ALA B 287 31.53 -31.72 1.22
CA ALA B 287 30.96 -30.53 0.61
C ALA B 287 32.03 -29.64 0.02
N LEU B 288 33.16 -29.55 0.70
CA LEU B 288 34.25 -28.69 0.27
C LEU B 288 34.92 -29.26 -0.99
N GLN B 289 34.76 -30.56 -1.21
CA GLN B 289 35.35 -31.16 -2.40
C GLN B 289 34.43 -31.02 -3.60
N SER B 290 33.18 -30.67 -3.35
CA SER B 290 32.17 -30.51 -4.42
C SER B 290 32.32 -29.23 -5.23
N THR B 291 31.72 -29.22 -6.42
CA THR B 291 31.79 -28.09 -7.35
C THR B 291 30.82 -26.96 -6.98
N THR B 292 30.50 -26.83 -5.70
CA THR B 292 29.43 -25.90 -5.36
C THR B 292 30.02 -24.58 -4.89
N ASP B 293 29.21 -23.53 -4.83
CA ASP B 293 29.74 -22.21 -4.49
C ASP B 293 30.35 -22.22 -3.08
N ARG B 294 31.66 -22.07 -3.04
CA ARG B 294 32.39 -22.18 -1.80
C ARG B 294 32.14 -21.03 -0.84
N LYS B 295 32.05 -19.81 -1.35
CA LYS B 295 31.93 -18.63 -0.49
C LYS B 295 30.58 -18.67 0.21
N ALA B 296 29.55 -19.00 -0.56
CA ALA B 296 28.20 -19.12 -0.02
C ALA B 296 28.07 -20.25 1.01
N LEU B 297 28.55 -21.44 0.66
CA LEU B 297 28.51 -22.56 1.58
C LEU B 297 29.30 -22.27 2.87
N ALA B 298 30.47 -21.64 2.70
CA ALA B 298 31.30 -21.27 3.81
C ALA B 298 30.59 -20.31 4.73
N THR B 299 29.87 -19.35 4.13
CA THR B 299 29.14 -18.37 4.93
C THR B 299 28.06 -19.06 5.76
N LYS B 300 27.26 -19.90 5.11
CA LYS B 300 26.22 -20.66 5.82
C LYS B 300 26.80 -21.51 6.94
N MET B 301 27.89 -22.19 6.63
CA MET B 301 28.49 -23.09 7.61
C MET B 301 29.06 -22.33 8.78
N VAL B 302 29.71 -21.19 8.50
CA VAL B 302 30.30 -20.38 9.56
C VAL B 302 29.21 -19.89 10.51
N ALA B 303 28.10 -19.45 9.92
CA ALA B 303 26.93 -19.02 10.69
C ALA B 303 26.43 -20.16 11.58
N TRP B 304 26.41 -21.35 11.01
CA TRP B 304 25.97 -22.55 11.70
C TRP B 304 26.84 -22.87 12.91
N MET B 305 28.16 -22.86 12.71
CA MET B 305 29.12 -23.17 13.78
C MET B 305 29.03 -22.12 14.88
N ASP B 306 28.74 -20.88 14.48
CA ASP B 306 28.51 -19.80 15.43
C ASP B 306 27.33 -20.13 16.32
N GLY B 307 26.25 -20.58 15.69
CA GLY B 307 25.07 -21.00 16.42
C GLY B 307 25.40 -22.06 17.44
N ILE B 308 26.29 -22.98 17.05
CA ILE B 308 26.70 -24.09 17.94
C ILE B 308 27.52 -23.61 19.13
N LEU B 309 28.46 -22.70 18.85
CA LEU B 309 29.39 -22.21 19.87
C LEU B 309 28.65 -21.52 21.02
N ALA B 310 27.43 -21.01 20.75
CA ALA B 310 26.58 -20.37 21.77
C ALA B 310 26.02 -21.35 22.81
N LEU B 314 29.93 -27.10 26.63
CA LEU B 314 30.50 -27.72 25.45
C LEU B 314 31.91 -28.27 25.68
N ASP B 315 32.20 -29.46 25.12
CA ASP B 315 33.51 -30.08 25.29
C ASP B 315 34.61 -29.19 24.75
N ALA B 316 35.74 -29.18 25.45
CA ALA B 316 36.84 -28.31 25.08
C ALA B 316 37.40 -28.69 23.70
N ALA B 317 37.72 -29.97 23.50
CA ALA B 317 38.29 -30.47 22.25
C ALA B 317 37.32 -30.17 21.10
N ILE B 318 36.04 -30.31 21.40
CA ILE B 318 34.97 -29.97 20.47
C ILE B 318 35.00 -28.48 20.12
N ARG B 319 35.16 -27.63 21.14
CA ARG B 319 35.24 -26.18 20.91
C ARG B 319 36.43 -25.87 20.01
N THR B 320 37.56 -26.45 20.34
CA THR B 320 38.79 -26.17 19.64
C THR B 320 38.64 -26.60 18.18
N VAL B 321 38.20 -27.84 17.93
CA VAL B 321 38.11 -28.33 16.56
C VAL B 321 37.08 -27.54 15.73
N LEU B 322 36.00 -27.09 16.38
CA LEU B 322 35.00 -26.27 15.69
C LEU B 322 35.59 -24.93 15.27
N GLU B 323 36.36 -24.34 16.19
CA GLU B 323 37.03 -23.08 15.94
C GLU B 323 38.06 -23.24 14.81
N HIS B 324 38.66 -24.42 14.74
CA HIS B 324 39.64 -24.76 13.70
C HIS B 324 38.98 -24.84 12.31
N THR B 325 37.90 -25.63 12.22
CA THR B 325 37.12 -25.72 10.97
C THR B 325 36.60 -24.35 10.54
N LYS B 326 36.16 -23.55 11.51
CA LYS B 326 35.71 -22.20 11.22
C LYS B 326 36.84 -21.34 10.66
N ARG B 327 38.01 -21.46 11.28
CA ARG B 327 39.20 -20.74 10.87
C ARG B 327 39.57 -21.10 9.44
N SER B 328 39.32 -22.36 9.08
CA SER B 328 39.60 -22.87 7.74
C SER B 328 38.84 -22.10 6.66
N LEU B 329 37.64 -21.65 7.02
CA LEU B 329 36.79 -20.93 6.09
C LEU B 329 37.07 -19.42 6.07
N HIS C 6 1.09 0.87 35.70
CA HIS C 6 2.43 1.21 35.19
C HIS C 6 3.11 0.11 34.36
N ALA C 7 2.70 -1.13 34.54
CA ALA C 7 3.27 -2.20 33.76
C ALA C 7 2.93 -1.94 32.29
N SER C 8 1.75 -1.37 32.07
CA SER C 8 1.31 -1.07 30.72
C SER C 8 2.32 -0.14 30.09
N GLN C 9 2.89 0.79 30.85
CA GLN C 9 3.95 1.62 30.28
C GLN C 9 5.17 0.86 29.84
N ALA C 10 5.69 0.01 30.71
CA ALA C 10 6.88 -0.76 30.39
C ALA C 10 6.65 -1.57 29.12
N ARG C 11 5.51 -2.26 29.10
CA ARG C 11 5.12 -3.08 27.98
C ARG C 11 5.00 -2.28 26.68
N THR C 12 4.23 -1.20 26.72
CA THR C 12 3.99 -0.37 25.56
C THR C 12 5.27 0.19 24.98
N PHE C 13 6.12 0.67 25.88
CA PHE C 13 7.44 1.15 25.50
C PHE C 13 8.19 0.06 24.78
N GLY C 14 8.09 -1.16 25.31
CA GLY C 14 8.71 -2.30 24.68
C GLY C 14 8.21 -2.53 23.27
N ILE C 15 6.91 -2.41 23.03
CA ILE C 15 6.36 -2.55 21.69
C ILE C 15 7.03 -1.59 20.74
N PHE C 16 6.98 -0.32 21.12
CA PHE C 16 7.58 0.75 20.31
C PHE C 16 9.05 0.56 20.09
N GLU C 17 9.70 0.11 21.14
CA GLU C 17 11.14 -0.09 21.17
C GLU C 17 11.55 -1.15 20.18
N ARG C 18 10.92 -2.31 20.29
CA ARG C 18 11.27 -3.39 19.43
C ARG C 18 10.91 -3.03 18.00
N ALA C 19 9.85 -2.23 17.84
CA ALA C 19 9.40 -1.79 16.52
C ALA C 19 10.42 -0.90 15.82
N VAL C 20 10.93 0.12 16.49
CA VAL C 20 11.91 0.98 15.83
C VAL C 20 13.25 0.28 15.68
N LEU C 21 13.46 -0.76 16.48
CA LEU C 21 14.68 -1.54 16.35
C LEU C 21 14.63 -2.37 15.07
N LYS C 22 13.46 -2.93 14.79
CA LYS C 22 13.23 -3.69 13.58
C LYS C 22 13.32 -2.75 12.40
N HIS C 23 12.63 -1.62 12.50
CA HIS C 23 12.70 -0.63 11.43
C HIS C 23 12.92 0.79 11.91
N PRO C 24 14.19 1.23 11.98
CA PRO C 24 14.54 2.57 12.39
C PRO C 24 14.32 3.52 11.25
N GLY C 25 14.07 2.96 10.08
CA GLY C 25 13.84 3.81 8.95
C GLY C 25 12.51 4.52 9.01
N SER C 26 11.56 3.96 9.75
CA SER C 26 10.21 4.51 9.78
C SER C 26 10.03 5.73 10.67
N ILE C 27 9.85 6.89 10.08
CA ILE C 27 9.68 8.07 10.89
C ILE C 27 8.34 8.00 11.63
N GLU C 28 7.33 7.40 11.01
CA GLU C 28 6.00 7.29 11.59
C GLU C 28 5.98 6.53 12.89
N LEU C 29 6.77 5.49 12.93
CA LEU C 29 6.87 4.69 14.11
C LEU C 29 7.44 5.53 15.25
N TRP C 30 8.52 6.26 14.95
CA TRP C 30 9.15 7.15 15.92
C TRP C 30 8.18 8.19 16.46
N LEU C 31 7.44 8.82 15.54
CA LEU C 31 6.51 9.85 15.91
C LEU C 31 5.44 9.32 16.84
N ALA C 32 4.93 8.15 16.52
CA ALA C 32 3.92 7.52 17.37
C ALA C 32 4.48 7.26 18.75
N TYR C 33 5.70 6.75 18.78
CA TYR C 33 6.42 6.50 20.04
C TYR C 33 6.50 7.74 20.88
N LEU C 34 6.95 8.83 20.27
CA LEU C 34 7.07 10.11 20.95
C LEU C 34 5.71 10.54 21.49
N GLU C 35 4.68 10.43 20.66
CA GLU C 35 3.37 10.87 21.06
C GLU C 35 2.94 10.11 22.31
N PHE C 36 3.16 8.82 22.31
CA PHE C 36 2.83 8.03 23.48
C PHE C 36 3.62 8.43 24.70
N ALA C 37 4.93 8.68 24.54
CA ALA C 37 5.75 9.11 25.67
C ALA C 37 5.20 10.41 26.27
N ALA C 38 4.81 11.31 25.40
CA ALA C 38 4.28 12.58 25.82
C ALA C 38 2.96 12.36 26.54
N GLN C 39 2.22 11.37 26.10
CA GLN C 39 0.91 11.14 26.66
C GLN C 39 0.98 10.60 28.09
N VAL C 40 2.00 9.80 28.39
CA VAL C 40 2.12 9.26 29.74
C VAL C 40 2.96 10.15 30.63
N LYS C 41 3.30 11.33 30.11
CA LYS C 41 4.10 12.31 30.83
C LYS C 41 5.49 11.80 31.18
N ALA C 42 6.04 10.92 30.35
CA ALA C 42 7.43 10.47 30.49
C ALA C 42 8.43 11.41 29.76
N THR C 43 8.73 12.57 30.34
CA THR C 43 9.50 13.60 29.64
C THR C 43 10.98 13.25 29.38
N LYS C 44 11.61 12.58 30.34
CA LYS C 44 12.99 12.18 30.11
C LYS C 44 13.03 11.22 28.88
N ARG C 45 12.23 10.17 28.93
CA ARG C 45 12.22 9.20 27.86
C ARG C 45 11.87 9.84 26.53
N TRP C 46 10.97 10.82 26.56
CA TRP C 46 10.63 11.55 25.35
C TRP C 46 11.87 12.23 24.79
N ARG C 47 12.64 12.89 25.66
CA ARG C 47 13.82 13.61 25.17
C ARG C 47 14.82 12.67 24.55
N ARG C 48 14.99 11.52 25.20
CA ARG C 48 15.94 10.53 24.72
C ARG C 48 15.53 9.99 23.34
N ILE C 49 14.26 9.65 23.21
CA ILE C 49 13.76 9.12 21.95
C ILE C 49 13.84 10.16 20.84
N MET C 50 13.64 11.43 21.19
CA MET C 50 13.77 12.53 20.22
C MET C 50 15.19 12.67 19.76
N THR C 51 16.10 12.52 20.73
CA THR C 51 17.55 12.52 20.49
C THR C 51 17.92 11.49 19.43
N ARG C 52 17.44 10.28 19.64
CA ARG C 52 17.68 9.18 18.73
C ARG C 52 17.11 9.36 17.32
N ALA C 53 15.83 9.71 17.26
CA ALA C 53 15.16 9.89 16.00
C ALA C 53 15.85 10.99 15.20
N LEU C 54 16.14 12.13 15.84
CA LEU C 54 16.84 13.20 15.13
C LEU C 54 18.28 12.84 14.77
N ARG C 55 18.89 12.00 15.60
CA ARG C 55 20.26 11.54 15.41
C ARG C 55 20.34 10.78 14.10
N LEU C 56 19.36 9.93 13.83
CA LEU C 56 19.41 9.21 12.56
C LEU C 56 18.50 9.83 11.48
N HIS C 57 17.75 10.88 11.77
CA HIS C 57 17.01 11.58 10.71
C HIS C 57 17.15 13.10 10.81
N PRO C 58 18.36 13.62 10.60
CA PRO C 58 18.62 15.03 10.84
C PRO C 58 17.92 15.97 9.85
N MET C 59 17.55 15.51 8.67
CA MET C 59 16.92 16.43 7.74
C MET C 59 15.41 16.17 7.62
N ASN C 60 14.81 15.65 8.69
CA ASN C 60 13.35 15.46 8.68
C ASN C 60 12.62 16.59 9.37
N ALA C 61 11.78 17.24 8.60
CA ALA C 61 11.05 18.42 9.04
C ALA C 61 10.15 18.13 10.25
N SER C 62 9.43 17.02 10.17
CA SER C 62 8.44 16.61 11.17
C SER C 62 8.98 16.55 12.60
N LEU C 63 10.17 16.00 12.73
CA LEU C 63 10.84 15.88 14.03
C LEU C 63 11.26 17.23 14.62
N TRP C 64 11.94 18.03 13.81
CA TRP C 64 12.34 19.36 14.22
C TRP C 64 11.14 20.18 14.64
N THR C 65 10.10 20.17 13.79
CA THR C 65 8.87 20.89 14.09
C THR C 65 8.30 20.37 15.39
N LEU C 66 8.44 19.08 15.64
CA LEU C 66 7.99 18.52 16.93
C LEU C 66 8.72 19.17 18.09
N ALA C 67 10.05 19.22 18.00
CA ALA C 67 10.85 19.80 19.07
C ALA C 67 10.49 21.24 19.30
N GLY C 68 10.45 22.00 18.21
CA GLY C 68 10.16 23.42 18.28
C GLY C 68 8.76 23.74 18.77
N ARG C 69 7.75 23.04 18.25
CA ARG C 69 6.38 23.26 18.70
C ARG C 69 6.20 22.83 20.15
N ARG C 70 6.86 21.75 20.56
CA ARG C 70 6.75 21.31 21.96
C ARG C 70 7.35 22.34 22.87
N ALA C 71 8.49 22.89 22.47
CA ALA C 71 9.14 23.92 23.27
C ALA C 71 8.28 25.18 23.33
N ALA C 72 7.59 25.47 22.23
CA ALA C 72 6.74 26.65 22.17
C ALA C 72 5.47 26.48 23.01
N GLN C 73 4.95 25.26 23.06
CA GLN C 73 3.72 24.98 23.79
C GLN C 73 3.95 25.15 25.29
N ASN C 74 5.17 24.94 25.74
CA ASN C 74 5.48 25.12 27.16
C ASN C 74 5.65 26.58 27.55
N GLY C 75 5.73 27.47 26.55
CA GLY C 75 5.77 28.88 26.84
C GLY C 75 7.13 29.43 26.49
N ASP C 76 8.08 28.52 26.28
CA ASP C 76 9.47 28.89 26.04
C ASP C 76 9.77 29.01 24.56
N MET C 77 9.48 30.19 24.03
CA MET C 77 9.63 30.44 22.61
C MET C 77 11.11 30.59 22.20
N GLN C 78 11.98 30.83 23.19
CA GLN C 78 13.40 30.99 22.89
C GLN C 78 14.02 29.67 22.45
N ARG C 79 13.88 28.61 23.25
CA ARG C 79 14.41 27.29 22.91
C ARG C 79 13.76 26.80 21.63
N ALA C 80 12.48 27.15 21.47
CA ALA C 80 11.74 26.84 20.27
C ALA C 80 12.48 27.43 19.07
N ARG C 81 12.76 28.73 19.13
CA ARG C 81 13.50 29.40 18.07
C ARG C 81 14.87 28.78 17.84
N ALA C 82 15.55 28.42 18.91
CA ALA C 82 16.84 27.79 18.76
C ALA C 82 16.71 26.58 17.86
N HIS C 83 15.79 25.71 18.28
CA HIS C 83 15.53 24.45 17.61
C HIS C 83 15.17 24.63 16.17
N PHE C 84 14.27 25.56 15.90
CA PHE C 84 13.86 25.83 14.52
C PHE C 84 15.02 26.32 13.67
N LEU C 85 15.90 27.17 14.25
CA LEU C 85 17.02 27.76 13.50
C LEU C 85 18.06 26.70 13.16
N ARG C 86 18.36 25.85 14.15
CA ARG C 86 19.21 24.70 13.92
C ARG C 86 18.63 23.84 12.80
N GLY C 87 17.35 23.54 12.97
CA GLY C 87 16.68 22.67 12.02
C GLY C 87 16.77 23.22 10.62
N CYS C 88 16.56 24.53 10.48
CA CYS C 88 16.58 25.15 9.17
C CYS C 88 17.99 25.15 8.59
N ARG C 89 18.98 25.10 9.46
CA ARG C 89 20.35 24.89 8.97
C ARG C 89 20.44 23.52 8.31
N PHE C 90 19.81 22.52 8.94
CA PHE C 90 19.83 21.15 8.39
C PHE C 90 18.88 20.98 7.20
N CYS C 91 17.61 21.27 7.43
CA CYS C 91 16.56 21.10 6.42
C CYS C 91 16.59 22.24 5.40
N THR C 92 17.25 22.00 4.28
CA THR C 92 17.49 23.09 3.35
C THR C 92 17.01 22.76 1.94
N ARG C 93 16.46 21.57 1.75
CA ARG C 93 15.96 21.20 0.43
C ARG C 93 14.43 21.18 0.41
N GLU C 94 13.82 21.52 1.54
CA GLU C 94 12.38 21.43 1.68
C GLU C 94 11.86 22.59 2.55
N PRO C 95 10.85 23.29 2.03
CA PRO C 95 10.26 24.50 2.61
C PRO C 95 9.58 24.24 3.94
N THR C 96 9.20 22.99 4.16
CA THR C 96 8.36 22.61 5.28
C THR C 96 8.78 23.26 6.59
N LEU C 97 10.01 22.99 7.00
CA LEU C 97 10.48 23.42 8.31
C LEU C 97 10.49 24.94 8.44
N TRP C 98 10.85 25.61 7.35
CA TRP C 98 10.84 27.07 7.32
C TRP C 98 9.42 27.61 7.49
N LEU C 99 8.48 27.01 6.77
CA LEU C 99 7.08 27.37 6.87
C LEU C 99 6.57 27.21 8.29
N GLU C 100 6.91 26.09 8.92
CA GLU C 100 6.45 25.76 10.27
C GLU C 100 7.10 26.67 11.29
N TYR C 101 8.30 27.15 10.96
CA TYR C 101 8.96 28.11 11.81
C TYR C 101 8.18 29.42 11.75
N ALA C 102 7.89 29.86 10.53
CA ALA C 102 7.14 31.08 10.37
C ALA C 102 5.82 30.99 11.14
N ARG C 103 5.14 29.87 10.96
CA ARG C 103 3.87 29.64 11.59
C ARG C 103 3.99 29.69 13.10
N CYS C 104 5.04 29.08 13.63
CA CYS C 104 5.25 29.11 15.08
C CYS C 104 5.48 30.55 15.58
N GLU C 105 6.21 31.33 14.79
CA GLU C 105 6.47 32.72 15.13
C GLU C 105 5.13 33.51 15.20
N MET C 106 4.30 33.30 14.18
CA MET C 106 2.98 33.91 14.11
C MET C 106 2.07 33.51 15.27
N ASP C 107 2.23 32.27 15.70
CA ASP C 107 1.53 31.77 16.88
C ASP C 107 1.95 32.55 18.12
N TRP C 108 3.26 32.73 18.28
CA TRP C 108 3.74 33.49 19.43
C TRP C 108 3.18 34.90 19.44
N LEU C 109 3.21 35.58 18.30
CA LEU C 109 2.68 36.96 18.25
C LEU C 109 1.19 37.00 18.58
N ALA C 110 0.46 36.01 18.05
CA ALA C 110 -0.96 35.89 18.34
C ALA C 110 -1.19 35.77 19.85
N ARG C 111 -0.30 35.04 20.53
CA ARG C 111 -0.35 34.93 22.00
C ARG C 111 0.03 36.24 22.73
N MET C 112 0.99 36.96 22.17
CA MET C 112 1.46 38.23 22.73
C MET C 112 0.38 39.31 22.64
N GLU C 113 -0.47 39.21 21.61
CA GLU C 113 -1.56 40.18 21.43
C GLU C 113 -2.68 40.09 22.47
N ALA C 114 -2.93 38.90 23.02
CA ALA C 114 -3.92 38.70 24.08
C ALA C 114 -3.53 39.32 25.44
N ASP C 157 19.43 19.16 29.67
CA ASP C 157 18.68 18.73 28.48
C ASP C 157 18.97 17.29 28.06
N GLY C 158 18.05 16.37 28.35
CA GLY C 158 18.16 15.00 27.86
C GLY C 158 18.15 15.03 26.34
N LEU C 159 17.59 16.15 25.86
CA LEU C 159 17.43 16.46 24.47
C LEU C 159 18.75 16.92 23.90
N ILE C 160 19.24 16.12 22.95
CA ILE C 160 20.48 16.41 22.25
C ILE C 160 20.22 16.42 20.77
N LEU C 161 20.40 17.59 20.18
CA LEU C 161 20.08 17.78 18.78
C LEU C 161 21.34 17.67 17.98
N PRO C 162 21.21 17.19 16.74
CA PRO C 162 22.37 17.06 15.86
C PRO C 162 23.15 18.37 15.71
N ASP C 163 24.46 18.28 15.85
CA ASP C 163 25.34 19.43 15.73
C ASP C 163 25.61 19.72 14.25
N PRO C 164 25.30 20.94 13.79
CA PRO C 164 25.50 21.31 12.37
C PRO C 164 26.96 21.28 11.93
N ASP C 165 27.85 21.52 12.89
CA ASP C 165 29.29 21.51 12.68
C ASP C 165 29.95 20.13 12.93
N ALA C 166 29.94 19.28 11.90
CA ALA C 166 30.55 17.94 11.98
C ALA C 166 31.83 17.80 11.15
N LYS C 173 30.57 18.59 6.31
CA LYS C 173 29.83 19.28 7.38
C LYS C 173 28.32 19.09 7.19
N LYS C 174 27.90 19.13 5.93
CA LYS C 174 26.53 18.85 5.52
C LYS C 174 25.50 19.91 5.93
N ALA C 175 25.83 20.86 6.80
CA ALA C 175 24.79 21.80 7.26
C ALA C 175 25.16 23.27 7.07
N ALA C 176 24.19 24.04 6.60
CA ALA C 176 24.42 25.45 6.26
C ALA C 176 24.76 26.33 7.45
N LYS C 177 25.26 27.52 7.13
CA LYS C 177 25.53 28.55 8.12
C LYS C 177 24.20 28.88 8.79
N PRO C 178 24.27 29.37 10.04
CA PRO C 178 23.04 29.77 10.74
C PRO C 178 22.16 30.70 9.90
N VAL C 179 20.87 30.56 10.09
CA VAL C 179 19.88 31.35 9.36
C VAL C 179 20.03 32.86 9.56
N PHE C 180 20.50 33.24 10.76
CA PHE C 180 20.68 34.65 11.11
C PHE C 180 22.06 34.96 11.63
N ASP C 181 22.67 36.01 11.08
CA ASP C 181 23.96 36.49 11.56
C ASP C 181 23.82 37.09 12.94
N ALA C 182 24.93 37.11 13.69
CA ALA C 182 24.94 37.63 15.06
C ALA C 182 24.39 39.05 15.09
N GLU C 183 24.86 39.87 14.15
CA GLU C 183 24.34 41.23 14.01
C GLU C 183 22.85 41.20 13.67
N GLN C 184 22.47 40.34 12.73
CA GLN C 184 21.06 40.19 12.33
C GLN C 184 20.18 39.73 13.49
N THR C 185 20.66 38.75 14.26
CA THR C 185 19.91 38.28 15.44
C THR C 185 19.71 39.43 16.41
N LYS C 186 20.77 40.21 16.65
CA LYS C 186 20.69 41.33 17.59
C LYS C 186 19.69 42.39 17.09
N LYS C 187 19.72 42.66 15.79
CA LYS C 187 18.82 43.65 15.20
C LYS C 187 17.39 43.15 15.22
N LEU C 188 17.22 41.83 15.25
CA LEU C 188 15.90 41.23 15.32
C LEU C 188 15.38 41.15 16.75
N GLU C 189 16.29 41.10 17.72
CA GLU C 189 15.93 41.07 19.14
C GLU C 189 15.46 42.42 19.65
N GLN C 190 16.15 43.48 19.25
CA GLN C 190 15.82 44.86 19.64
C GLN C 190 14.58 45.33 18.88
N SER C 191 14.26 44.65 17.79
CA SER C 191 13.10 44.98 16.95
C SER C 191 11.78 44.87 17.72
N PRO C 192 10.83 45.78 17.46
CA PRO C 192 9.53 45.78 18.12
C PRO C 192 8.79 44.46 17.97
N ALA C 193 8.11 44.03 19.03
CA ALA C 193 7.46 42.72 19.05
C ALA C 193 6.31 42.60 18.07
N LEU C 194 5.56 43.68 17.90
CA LEU C 194 4.35 43.62 17.10
C LEU C 194 4.61 44.06 15.67
N SER C 195 5.89 44.15 15.31
CA SER C 195 6.24 44.58 13.95
C SER C 195 6.04 43.44 12.96
N GLY C 196 6.39 42.23 13.38
CA GLY C 196 6.35 41.05 12.52
C GLY C 196 7.58 41.00 11.62
N ALA C 197 8.68 41.56 12.13
CA ALA C 197 9.91 41.62 11.39
C ALA C 197 10.59 40.25 11.32
N ILE C 198 10.35 39.41 12.33
CA ILE C 198 10.99 38.12 12.41
C ILE C 198 10.51 37.15 11.31
N PRO C 199 9.18 37.02 11.12
CA PRO C 199 8.76 36.16 10.01
C PRO C 199 9.17 36.70 8.66
N ILE C 200 9.19 38.02 8.55
CA ILE C 200 9.67 38.66 7.34
C ILE C 200 11.12 38.27 7.08
N ALA C 201 11.94 38.33 8.13
CA ALA C 201 13.34 37.97 8.06
C ALA C 201 13.48 36.51 7.65
N VAL C 202 12.61 35.67 8.21
CA VAL C 202 12.57 34.26 7.87
C VAL C 202 12.31 34.07 6.37
N PHE C 203 11.37 34.85 5.83
CA PHE C 203 11.10 34.83 4.41
C PHE C 203 12.32 35.24 3.59
N ASP C 204 12.89 36.41 3.92
CA ASP C 204 14.00 36.99 3.18
C ASP C 204 15.21 36.08 3.17
N VAL C 205 15.48 35.43 4.29
CA VAL C 205 16.61 34.53 4.36
C VAL C 205 16.28 33.24 3.63
N ALA C 206 15.02 32.82 3.72
CA ALA C 206 14.59 31.62 3.02
C ALA C 206 14.79 31.76 1.53
N ARG C 207 14.74 33.01 1.05
CA ARG C 207 14.96 33.30 -0.35
C ARG C 207 16.34 32.87 -0.87
N LYS C 208 17.34 32.82 0.01
CA LYS C 208 18.69 32.43 -0.41
C LYS C 208 18.90 30.92 -0.48
N GLN C 209 18.01 30.17 0.17
CA GLN C 209 18.14 28.71 0.28
C GLN C 209 17.77 27.94 -0.99
N PRO C 210 18.35 26.74 -1.19
CA PRO C 210 18.13 25.90 -2.38
C PRO C 210 16.67 25.57 -2.69
N PHE C 211 15.83 25.39 -1.67
CA PHE C 211 14.44 24.98 -1.90
C PHE C 211 13.58 26.11 -2.43
N TRP C 212 14.18 27.29 -2.57
CA TRP C 212 13.46 28.49 -2.98
C TRP C 212 12.85 28.39 -4.38
N GLY C 213 11.57 28.72 -4.46
CA GLY C 213 10.84 28.76 -5.71
C GLY C 213 9.51 29.48 -5.54
N PRO C 214 8.73 29.56 -6.63
CA PRO C 214 7.39 30.17 -6.59
C PRO C 214 6.45 29.40 -5.67
N ALA C 215 6.56 28.07 -5.70
CA ALA C 215 5.73 27.19 -4.88
C ALA C 215 5.95 27.47 -3.41
N ALA C 216 7.22 27.52 -3.02
CA ALA C 216 7.62 27.78 -1.65
C ALA C 216 7.10 29.12 -1.15
N ALA C 217 7.29 30.15 -1.98
CA ALA C 217 6.81 31.48 -1.66
C ALA C 217 5.30 31.46 -1.43
N GLU C 218 4.60 30.75 -2.31
CA GLU C 218 3.16 30.62 -2.20
C GLU C 218 2.77 29.94 -0.89
N LYS C 219 3.56 28.96 -0.48
CA LYS C 219 3.32 28.23 0.75
C LYS C 219 3.40 29.21 1.91
N PHE C 220 4.43 30.05 1.89
CA PHE C 220 4.59 31.11 2.89
C PHE C 220 3.38 32.00 2.93
N PHE C 221 2.91 32.34 1.74
CA PHE C 221 1.72 33.14 1.63
C PHE C 221 0.55 32.46 2.31
N ASP C 222 0.44 31.15 2.16
CA ASP C 222 -0.67 30.39 2.72
C ASP C 222 -0.64 30.43 4.25
N VAL C 223 0.56 30.18 4.78
CA VAL C 223 0.82 30.18 6.21
C VAL C 223 0.41 31.51 6.81
N PHE C 224 0.79 32.59 6.13
CA PHE C 224 0.41 33.91 6.61
C PHE C 224 -1.09 34.19 6.35
N ALA C 225 -1.68 33.47 5.41
CA ALA C 225 -3.06 33.72 5.03
C ALA C 225 -4.03 33.20 6.06
N LYS C 226 -3.60 32.19 6.80
CA LYS C 226 -4.48 31.70 7.87
C LYS C 226 -4.41 32.62 9.10
N PHE C 227 -3.55 33.63 9.04
CA PHE C 227 -3.44 34.58 10.14
C PHE C 227 -3.96 35.96 9.77
N CYS C 232 -1.01 43.13 12.03
CA CYS C 232 0.28 42.71 11.50
C CYS C 232 0.12 41.96 10.21
N HIS C 233 -0.98 41.24 10.10
CA HIS C 233 -1.24 40.34 8.98
C HIS C 233 -1.13 41.05 7.63
N GLU C 234 -1.58 42.31 7.62
CA GLU C 234 -1.57 43.17 6.44
C GLU C 234 -0.15 43.43 5.96
N ARG C 235 0.68 43.93 6.87
CA ARG C 235 2.06 44.27 6.56
C ARG C 235 2.81 43.08 5.99
N ILE C 236 2.65 41.93 6.64
CA ILE C 236 3.35 40.73 6.25
C ILE C 236 2.93 40.24 4.86
N ILE C 237 1.63 40.04 4.68
CA ILE C 237 1.14 39.56 3.38
C ILE C 237 1.47 40.54 2.25
N SER C 238 1.38 41.84 2.54
CA SER C 238 1.72 42.87 1.57
C SER C 238 3.18 42.73 1.17
N HIS C 239 4.05 42.50 2.15
CA HIS C 239 5.47 42.32 1.85
C HIS C 239 5.71 41.10 0.95
N VAL C 240 5.12 39.96 1.32
CA VAL C 240 5.31 38.72 0.57
C VAL C 240 4.80 38.87 -0.86
N VAL C 241 3.60 39.44 -0.99
CA VAL C 241 2.98 39.69 -2.29
C VAL C 241 3.83 40.61 -3.17
N THR C 242 4.29 41.73 -2.59
CA THR C 242 5.14 42.68 -3.30
C THR C 242 6.41 41.99 -3.83
N THR C 243 7.11 41.32 -2.92
CA THR C 243 8.33 40.58 -3.24
C THR C 243 8.11 39.57 -4.37
N MET C 244 7.01 38.82 -4.27
CA MET C 244 6.69 37.83 -5.30
C MET C 244 6.42 38.47 -6.66
N GLN C 245 5.68 39.58 -6.64
CA GLN C 245 5.39 40.31 -7.88
C GLN C 245 6.65 40.91 -8.52
N GLU C 246 7.63 41.26 -7.70
CA GLU C 246 8.87 41.88 -8.20
C GLU C 246 9.82 40.82 -8.74
N LEU C 247 9.86 39.67 -8.09
CA LEU C 247 10.78 38.59 -8.47
C LEU C 247 10.21 37.79 -9.64
N PHE C 248 8.89 37.58 -9.62
CA PHE C 248 8.19 36.86 -10.69
C PHE C 248 7.08 37.73 -11.29
N PRO C 252 1.78 31.33 -12.29
CA PRO C 252 0.43 31.16 -11.75
C PRO C 252 0.37 31.43 -10.26
N CYS C 253 1.51 31.28 -9.61
CA CYS C 253 1.62 31.46 -8.16
C CYS C 253 1.40 32.91 -7.77
N THR C 254 2.02 33.80 -8.52
CA THR C 254 2.03 35.22 -8.22
C THR C 254 0.62 35.82 -8.37
N TRP C 255 -0.03 35.48 -9.47
CA TRP C 255 -1.37 35.98 -9.75
C TRP C 255 -2.31 35.46 -8.66
N SER C 256 -2.16 34.18 -8.35
CA SER C 256 -2.97 33.51 -7.33
C SER C 256 -2.90 34.20 -5.97
N VAL C 257 -1.68 34.43 -5.49
CA VAL C 257 -1.52 35.05 -4.18
C VAL C 257 -1.95 36.51 -4.16
N HIS C 258 -1.79 37.20 -5.29
CA HIS C 258 -2.19 38.60 -5.32
C HIS C 258 -3.72 38.66 -5.25
N ILE C 259 -4.38 37.69 -5.88
CA ILE C 259 -5.84 37.58 -5.85
C ILE C 259 -6.35 37.21 -4.46
N ARG C 260 -5.64 36.31 -3.80
CA ARG C 260 -6.11 35.87 -2.50
C ARG C 260 -5.87 36.96 -1.48
N GLN C 261 -5.03 37.93 -1.81
CA GLN C 261 -4.71 39.00 -0.85
C GLN C 261 -5.97 39.78 -0.39
N PRO C 262 -6.83 40.25 -1.34
CA PRO C 262 -8.00 41.01 -0.92
C PRO C 262 -9.05 40.19 -0.17
N LEU C 263 -9.05 38.87 -0.39
CA LEU C 263 -10.08 38.02 0.16
C LEU C 263 -9.72 37.60 1.58
N VAL C 264 -8.47 37.80 1.94
CA VAL C 264 -8.02 37.48 3.28
C VAL C 264 -8.28 38.75 4.08
N GLY C 265 -8.21 39.89 3.39
CA GLY C 265 -8.51 41.17 3.99
C GLY C 265 -10.00 41.30 4.27
N ALA C 272 -18.37 44.59 4.84
CA ALA C 272 -16.93 44.57 4.60
C ALA C 272 -16.54 43.39 3.71
N PHE C 273 -17.37 42.35 3.74
CA PHE C 273 -17.13 41.13 2.95
C PHE C 273 -17.29 41.40 1.43
N PRO C 274 -18.43 41.99 1.00
CA PRO C 274 -18.61 42.25 -0.44
C PRO C 274 -17.62 43.25 -1.04
N LYS C 275 -17.14 44.21 -0.27
CA LYS C 275 -16.19 45.21 -0.77
C LYS C 275 -14.85 44.60 -1.21
N ALA C 276 -14.23 43.91 -0.26
CA ALA C 276 -12.98 43.21 -0.52
C ALA C 276 -13.22 42.14 -1.58
N LEU C 277 -14.41 41.54 -1.54
CA LEU C 277 -14.76 40.52 -2.51
C LEU C 277 -14.80 41.06 -3.94
N ARG C 278 -15.56 42.12 -4.19
CA ARG C 278 -15.65 42.69 -5.53
C ARG C 278 -14.29 43.21 -6.03
N GLU C 279 -13.50 43.83 -5.15
CA GLU C 279 -12.14 44.24 -5.57
C GLU C 279 -11.32 43.01 -6.00
N SER C 280 -11.38 41.97 -5.18
CA SER C 280 -10.70 40.72 -5.45
C SER C 280 -11.15 40.14 -6.79
N LEU C 281 -12.43 40.30 -7.10
CA LEU C 281 -13.00 39.79 -8.34
C LEU C 281 -12.56 40.58 -9.57
N ALA C 282 -12.45 41.90 -9.42
CA ALA C 282 -11.88 42.70 -10.49
C ALA C 282 -10.44 42.24 -10.70
N ARG C 283 -9.77 41.93 -9.60
CA ARG C 283 -8.38 41.49 -9.68
C ARG C 283 -8.23 40.09 -10.31
N LEU C 284 -9.20 39.22 -10.07
CA LEU C 284 -9.16 37.88 -10.63
C LEU C 284 -9.41 37.99 -12.12
N LYS C 285 -10.32 38.88 -12.50
CA LYS C 285 -10.56 39.13 -13.92
C LYS C 285 -9.29 39.64 -14.57
N ALA C 286 -8.59 40.55 -13.88
CA ALA C 286 -7.31 41.06 -14.36
C ALA C 286 -6.27 39.93 -14.47
N ALA C 287 -6.42 38.94 -13.61
CA ALA C 287 -5.54 37.79 -13.55
C ALA C 287 -5.76 36.79 -14.67
N LEU C 288 -7.01 36.67 -15.11
CA LEU C 288 -7.35 35.68 -16.13
C LEU C 288 -6.68 36.00 -17.47
N GLN C 289 -6.32 37.26 -17.67
CA GLN C 289 -5.59 37.69 -18.87
C GLN C 289 -4.08 37.49 -18.68
N LEU C 297 -3.52 26.84 -13.33
CA LEU C 297 -3.95 28.02 -12.60
C LEU C 297 -5.45 28.04 -12.33
N ALA C 298 -6.23 27.63 -13.32
CA ALA C 298 -7.68 27.56 -13.18
C ALA C 298 -8.07 26.58 -12.07
N THR C 299 -7.35 25.46 -12.02
CA THR C 299 -7.58 24.42 -11.01
C THR C 299 -7.35 24.98 -9.61
N LYS C 300 -6.27 25.71 -9.46
CA LYS C 300 -5.90 26.37 -8.21
C LYS C 300 -7.02 27.27 -7.67
N MET C 301 -7.51 28.14 -8.56
CA MET C 301 -8.55 29.10 -8.23
C MET C 301 -9.90 28.43 -7.95
N VAL C 302 -10.24 27.42 -8.74
CA VAL C 302 -11.49 26.68 -8.55
C VAL C 302 -11.48 25.93 -7.22
N ALA C 303 -10.34 25.32 -6.90
CA ALA C 303 -10.18 24.63 -5.61
C ALA C 303 -10.37 25.62 -4.47
N TRP C 304 -9.76 26.79 -4.61
CA TRP C 304 -9.88 27.86 -3.61
C TRP C 304 -11.30 28.38 -3.35
N MET C 305 -11.98 28.79 -4.42
CA MET C 305 -13.36 29.29 -4.30
C MET C 305 -14.29 28.14 -3.87
N ASP C 306 -13.93 26.91 -4.21
CA ASP C 306 -14.62 25.70 -3.74
C ASP C 306 -14.50 25.57 -2.22
N GLY C 307 -13.28 25.79 -1.74
CA GLY C 307 -12.97 25.79 -0.32
C GLY C 307 -13.84 26.82 0.37
N ILE C 308 -14.08 27.95 -0.31
CA ILE C 308 -14.94 28.99 0.25
C ILE C 308 -16.43 28.62 0.23
N LEU C 309 -16.94 28.11 -0.90
CA LEU C 309 -18.37 27.78 -1.03
C LEU C 309 -18.78 26.63 -0.12
N ALA C 310 -17.80 25.82 0.29
CA ALA C 310 -18.09 24.66 1.15
C ALA C 310 -18.60 25.07 2.53
N ILE C 311 -18.02 26.13 3.10
CA ILE C 311 -18.33 26.66 4.45
C ILE C 311 -19.69 26.25 5.04
N ALA C 316 -26.82 32.93 -1.28
CA ALA C 316 -27.12 32.52 -2.65
C ALA C 316 -26.30 33.34 -3.65
N ALA C 317 -26.34 34.67 -3.50
CA ALA C 317 -25.60 35.59 -4.36
C ALA C 317 -24.11 35.30 -4.25
N ILE C 318 -23.68 35.00 -3.02
CA ILE C 318 -22.30 34.62 -2.77
C ILE C 318 -21.97 33.36 -3.54
N ARG C 319 -22.86 32.37 -3.43
CA ARG C 319 -22.71 31.07 -4.07
C ARG C 319 -22.77 31.01 -5.61
N THR C 320 -23.80 31.60 -6.20
CA THR C 320 -24.11 31.42 -7.63
C THR C 320 -23.06 31.87 -8.67
N VAL C 321 -22.60 33.12 -8.58
CA VAL C 321 -21.64 33.65 -9.56
C VAL C 321 -20.33 32.89 -9.49
N LEU C 322 -19.95 32.52 -8.26
CA LEU C 322 -18.75 31.75 -8.04
C LEU C 322 -18.94 30.36 -8.66
N GLU C 323 -20.13 29.79 -8.49
CA GLU C 323 -20.43 28.48 -9.03
C GLU C 323 -20.38 28.43 -10.56
N HIS C 324 -20.92 29.45 -11.22
CA HIS C 324 -20.83 29.50 -12.69
C HIS C 324 -19.40 29.77 -13.21
N THR C 325 -18.72 30.79 -12.68
CA THR C 325 -17.33 31.04 -13.07
C THR C 325 -16.48 29.78 -12.88
N LYS C 326 -16.77 29.06 -11.80
CA LYS C 326 -16.15 27.76 -11.52
C LYS C 326 -16.46 26.72 -12.60
N ARG C 327 -17.74 26.65 -12.99
CA ARG C 327 -18.18 25.69 -14.00
C ARG C 327 -17.49 25.96 -15.33
N SER C 328 -17.22 27.25 -15.59
CA SER C 328 -16.54 27.67 -16.79
C SER C 328 -15.15 27.05 -16.89
N LEU C 329 -14.49 26.95 -15.74
CA LEU C 329 -13.17 26.35 -15.69
C LEU C 329 -13.30 24.84 -15.48
N HIS D 6 26.33 -50.40 -13.93
CA HIS D 6 26.45 -51.06 -15.22
C HIS D 6 25.09 -51.61 -15.67
N ALA D 7 24.61 -52.65 -14.97
CA ALA D 7 23.34 -53.30 -15.30
C ALA D 7 22.18 -52.32 -15.23
N SER D 8 22.26 -51.39 -14.27
CA SER D 8 21.28 -50.32 -14.13
C SER D 8 21.28 -49.45 -15.39
N GLN D 9 22.48 -49.22 -15.96
CA GLN D 9 22.60 -48.49 -17.21
C GLN D 9 21.84 -49.16 -18.34
N ALA D 10 22.08 -50.46 -18.51
CA ALA D 10 21.41 -51.22 -19.55
C ALA D 10 19.89 -51.17 -19.40
N ARG D 11 19.43 -51.45 -18.17
CA ARG D 11 17.99 -51.48 -17.88
C ARG D 11 17.32 -50.14 -18.19
N THR D 12 17.86 -49.08 -17.58
CA THR D 12 17.31 -47.74 -17.76
C THR D 12 17.31 -47.33 -19.24
N PHE D 13 18.40 -47.63 -19.92
CA PHE D 13 18.46 -47.40 -21.36
C PHE D 13 17.31 -48.09 -22.05
N GLY D 14 17.02 -49.31 -21.60
CA GLY D 14 15.90 -50.03 -22.19
C GLY D 14 14.58 -49.32 -21.97
N ILE D 15 14.37 -48.87 -20.73
CA ILE D 15 13.16 -48.17 -20.33
C ILE D 15 12.92 -46.96 -21.23
N PHE D 16 13.92 -46.10 -21.27
CA PHE D 16 13.83 -44.91 -22.10
C PHE D 16 13.55 -45.30 -23.53
N GLU D 17 14.18 -46.38 -23.98
CA GLU D 17 14.04 -46.80 -25.38
C GLU D 17 12.60 -47.18 -25.70
N ARG D 18 12.03 -48.07 -24.88
CA ARG D 18 10.66 -48.51 -25.06
C ARG D 18 9.65 -47.37 -24.90
N ALA D 19 10.01 -46.44 -24.04
CA ALA D 19 9.17 -45.27 -23.79
C ALA D 19 9.08 -44.33 -24.99
N VAL D 20 10.24 -43.98 -25.54
CA VAL D 20 10.28 -43.05 -26.65
C VAL D 20 9.75 -43.76 -27.87
N LEU D 21 9.80 -45.09 -27.81
CA LEU D 21 9.22 -45.89 -28.86
C LEU D 21 7.68 -45.85 -28.80
N LYS D 22 7.10 -45.85 -27.60
CA LYS D 22 5.64 -45.86 -27.49
C LYS D 22 5.03 -44.62 -28.12
N HIS D 23 5.37 -43.44 -27.62
CA HIS D 23 4.91 -42.20 -28.27
C HIS D 23 6.03 -41.16 -28.27
N PRO D 24 6.63 -40.95 -29.45
CA PRO D 24 7.75 -40.05 -29.75
C PRO D 24 7.39 -38.57 -29.81
N GLY D 25 6.11 -38.23 -29.71
CA GLY D 25 5.69 -36.82 -29.74
C GLY D 25 6.11 -36.03 -28.51
N SER D 26 6.42 -36.73 -27.42
CA SER D 26 6.83 -36.07 -26.18
C SER D 26 8.25 -35.62 -26.20
N ILE D 27 8.42 -34.32 -26.35
CA ILE D 27 9.76 -33.78 -26.39
C ILE D 27 10.39 -34.02 -25.02
N GLU D 28 9.57 -33.89 -23.99
CA GLU D 28 10.02 -34.01 -22.60
C GLU D 28 10.61 -35.39 -22.31
N LEU D 29 10.03 -36.43 -22.89
CA LEU D 29 10.64 -37.73 -22.75
C LEU D 29 12.03 -37.77 -23.38
N TRP D 30 12.18 -37.20 -24.59
CA TRP D 30 13.48 -37.14 -25.24
C TRP D 30 14.50 -36.37 -24.43
N LEU D 31 14.09 -35.21 -23.94
CA LEU D 31 14.97 -34.37 -23.17
C LEU D 31 15.45 -35.10 -21.90
N ALA D 32 14.54 -35.78 -21.21
CA ALA D 32 14.93 -36.57 -20.04
C ALA D 32 15.91 -37.67 -20.39
N TYR D 33 15.67 -38.36 -21.49
CA TYR D 33 16.61 -39.38 -21.97
C TYR D 33 18.01 -38.79 -22.16
N LEU D 34 18.07 -37.70 -22.92
CA LEU D 34 19.31 -37.01 -23.24
C LEU D 34 20.05 -36.63 -21.97
N GLU D 35 19.34 -36.08 -20.99
CA GLU D 35 19.95 -35.71 -19.71
C GLU D 35 20.51 -36.94 -19.05
N PHE D 36 19.76 -38.04 -19.09
CA PHE D 36 20.26 -39.24 -18.46
C PHE D 36 21.55 -39.71 -19.10
N ALA D 37 21.56 -39.76 -20.44
CA ALA D 37 22.72 -40.20 -21.21
C ALA D 37 23.94 -39.33 -20.91
N ALA D 38 23.70 -38.02 -20.83
CA ALA D 38 24.73 -37.05 -20.57
C ALA D 38 25.27 -37.23 -19.19
N GLN D 39 24.40 -37.64 -18.27
CA GLN D 39 24.77 -37.76 -16.88
C GLN D 39 25.65 -39.00 -16.61
N VAL D 40 25.51 -40.04 -17.43
CA VAL D 40 26.37 -41.23 -17.32
C VAL D 40 27.60 -41.07 -18.23
N LYS D 41 27.73 -39.90 -18.84
CA LYS D 41 28.87 -39.53 -19.68
C LYS D 41 29.03 -40.48 -20.85
N ALA D 42 27.91 -41.08 -21.27
CA ALA D 42 27.90 -41.90 -22.47
C ALA D 42 27.63 -41.03 -23.68
N THR D 43 28.68 -40.33 -24.11
CA THR D 43 28.56 -39.29 -25.13
C THR D 43 28.13 -39.90 -26.44
N LYS D 44 28.56 -41.14 -26.65
CA LYS D 44 28.24 -41.87 -27.87
C LYS D 44 26.74 -42.02 -28.05
N ARG D 45 26.11 -42.61 -27.05
CA ARG D 45 24.67 -42.82 -27.12
C ARG D 45 23.98 -41.46 -27.13
N TRP D 46 24.52 -40.48 -26.41
CA TRP D 46 23.94 -39.13 -26.39
C TRP D 46 23.84 -38.56 -27.79
N ARG D 47 24.91 -38.74 -28.55
CA ARG D 47 24.95 -38.25 -29.91
C ARG D 47 23.90 -38.96 -30.75
N ARG D 48 23.82 -40.29 -30.60
CA ARG D 48 22.86 -41.04 -31.40
C ARG D 48 21.40 -40.66 -31.09
N ILE D 49 21.05 -40.64 -29.81
CA ILE D 49 19.69 -40.34 -29.42
C ILE D 49 19.33 -38.89 -29.73
N MET D 50 20.30 -37.97 -29.69
CA MET D 50 20.02 -36.60 -30.09
C MET D 50 19.70 -36.58 -31.56
N THR D 51 20.48 -37.34 -32.33
CA THR D 51 20.23 -37.44 -33.77
C THR D 51 18.78 -37.88 -34.00
N ARG D 52 18.36 -38.93 -33.28
CA ARG D 52 16.99 -39.45 -33.40
C ARG D 52 15.89 -38.44 -32.95
N ALA D 53 16.02 -37.88 -31.76
CA ALA D 53 15.01 -36.95 -31.24
C ALA D 53 14.86 -35.76 -32.17
N LEU D 54 15.99 -35.19 -32.59
CA LEU D 54 15.96 -34.05 -33.50
C LEU D 54 15.43 -34.52 -34.86
N ARG D 55 15.61 -35.80 -35.17
CA ARG D 55 15.13 -36.37 -36.42
C ARG D 55 13.60 -36.27 -36.47
N LEU D 56 12.97 -36.62 -35.34
CA LEU D 56 11.52 -36.69 -35.29
C LEU D 56 10.95 -35.39 -34.82
N HIS D 57 11.81 -34.50 -34.34
CA HIS D 57 11.36 -33.18 -33.94
C HIS D 57 12.27 -32.07 -34.45
N PRO D 58 12.32 -31.91 -35.78
CA PRO D 58 13.26 -30.96 -36.37
C PRO D 58 12.94 -29.52 -36.02
N MET D 59 11.70 -29.24 -35.63
CA MET D 59 11.35 -27.85 -35.37
C MET D 59 11.29 -27.55 -33.88
N ASN D 60 12.04 -28.30 -33.08
CA ASN D 60 12.07 -28.01 -31.65
C ASN D 60 13.29 -27.22 -31.17
N ALA D 61 13.02 -25.98 -30.75
CA ALA D 61 14.07 -25.03 -30.39
C ALA D 61 14.94 -25.64 -29.30
N SER D 62 14.29 -26.26 -28.33
CA SER D 62 14.97 -26.83 -27.18
C SER D 62 16.10 -27.78 -27.55
N LEU D 63 15.83 -28.66 -28.51
CA LEU D 63 16.79 -29.66 -28.97
C LEU D 63 18.01 -29.04 -29.69
N TRP D 64 17.73 -28.17 -30.66
CA TRP D 64 18.78 -27.44 -31.36
C TRP D 64 19.63 -26.67 -30.37
N THR D 65 18.98 -25.97 -29.46
CA THR D 65 19.68 -25.19 -28.46
C THR D 65 20.56 -26.11 -27.62
N LEU D 66 20.07 -27.27 -27.24
CA LEU D 66 20.87 -28.20 -26.45
C LEU D 66 22.12 -28.62 -27.23
N ALA D 67 21.96 -28.98 -28.50
CA ALA D 67 23.14 -29.33 -29.33
C ALA D 67 24.13 -28.16 -29.48
N GLY D 68 23.63 -26.97 -29.82
CA GLY D 68 24.45 -25.77 -30.00
C GLY D 68 25.19 -25.29 -28.77
N ARG D 69 24.50 -25.29 -27.62
CA ARG D 69 25.10 -24.96 -26.33
C ARG D 69 26.13 -26.03 -25.95
N ARG D 70 25.85 -27.30 -26.25
CA ARG D 70 26.82 -28.37 -25.98
C ARG D 70 28.09 -28.18 -26.80
N ALA D 71 27.91 -27.80 -28.06
CA ALA D 71 29.01 -27.54 -28.97
C ALA D 71 29.85 -26.35 -28.50
N ALA D 72 29.17 -25.35 -27.93
CA ALA D 72 29.86 -24.15 -27.42
C ALA D 72 30.63 -24.51 -26.16
N GLN D 73 30.09 -25.44 -25.39
CA GLN D 73 30.74 -25.93 -24.17
C GLN D 73 31.99 -26.74 -24.50
N ASN D 74 32.04 -27.31 -25.70
CA ASN D 74 33.22 -28.05 -26.12
C ASN D 74 34.32 -27.07 -26.56
N GLY D 75 33.92 -25.81 -26.74
CA GLY D 75 34.84 -24.70 -26.94
C GLY D 75 34.93 -23.99 -28.26
N ASP D 76 34.51 -24.63 -29.35
CA ASP D 76 34.58 -24.01 -30.68
C ASP D 76 33.24 -23.51 -31.21
N MET D 77 33.17 -22.21 -31.46
CA MET D 77 31.94 -21.60 -31.94
C MET D 77 31.64 -21.99 -33.38
N GLN D 78 32.58 -22.64 -34.07
CA GLN D 78 32.31 -23.07 -35.44
C GLN D 78 31.22 -24.12 -35.52
N ARG D 79 31.42 -25.21 -34.81
CA ARG D 79 30.46 -26.32 -34.79
C ARG D 79 29.14 -25.81 -34.20
N ALA D 80 29.25 -24.99 -33.17
CA ALA D 80 28.09 -24.38 -32.54
C ALA D 80 27.26 -23.56 -33.52
N ARG D 81 27.91 -22.62 -34.21
CA ARG D 81 27.21 -21.85 -35.23
C ARG D 81 26.60 -22.69 -36.32
N ALA D 82 27.34 -23.71 -36.78
CA ALA D 82 26.79 -24.58 -37.80
C ALA D 82 25.43 -25.12 -37.32
N HIS D 83 25.42 -25.67 -36.10
CA HIS D 83 24.19 -26.18 -35.49
C HIS D 83 23.09 -25.10 -35.36
N PHE D 84 23.46 -23.92 -34.88
CA PHE D 84 22.50 -22.84 -34.69
C PHE D 84 21.90 -22.28 -36.00
N LEU D 85 22.72 -22.19 -37.04
CA LEU D 85 22.29 -21.67 -38.34
C LEU D 85 21.36 -22.66 -39.00
N ARG D 86 21.74 -23.92 -38.92
CA ARG D 86 20.90 -25.00 -39.40
C ARG D 86 19.52 -24.94 -38.71
N GLY D 87 19.55 -24.90 -37.37
CA GLY D 87 18.32 -24.85 -36.62
C GLY D 87 17.49 -23.62 -36.96
N CYS D 88 18.13 -22.47 -37.13
CA CYS D 88 17.40 -21.24 -37.43
C CYS D 88 16.73 -21.33 -38.78
N ARG D 89 17.31 -22.13 -39.68
CA ARG D 89 16.64 -22.43 -40.95
C ARG D 89 15.39 -23.26 -40.69
N PHE D 90 15.47 -24.18 -39.73
CA PHE D 90 14.28 -25.00 -39.38
C PHE D 90 13.25 -24.24 -38.50
N CYS D 91 13.68 -23.76 -37.33
CA CYS D 91 12.82 -23.06 -36.36
C CYS D 91 12.57 -21.63 -36.76
N THR D 92 11.44 -21.37 -37.40
CA THR D 92 11.25 -20.04 -37.95
C THR D 92 9.91 -19.40 -37.54
N ARG D 93 9.12 -20.15 -36.77
CA ARG D 93 7.84 -19.64 -36.27
C ARG D 93 7.93 -19.31 -34.80
N GLU D 94 9.11 -19.46 -34.22
CA GLU D 94 9.29 -19.21 -32.79
C GLU D 94 10.66 -18.60 -32.49
N PRO D 95 10.66 -17.48 -31.76
CA PRO D 95 11.87 -16.70 -31.44
C PRO D 95 12.90 -17.46 -30.60
N THR D 96 12.45 -18.50 -29.89
CA THR D 96 13.25 -19.21 -28.91
C THR D 96 14.68 -19.52 -29.36
N LEU D 97 14.81 -20.28 -30.44
CA LEU D 97 16.12 -20.72 -30.91
C LEU D 97 17.00 -19.55 -31.34
N TRP D 98 16.40 -18.54 -31.97
CA TRP D 98 17.12 -17.34 -32.38
C TRP D 98 17.71 -16.60 -31.17
N LEU D 99 16.89 -16.45 -30.15
CA LEU D 99 17.31 -15.85 -28.87
C LEU D 99 18.44 -16.67 -28.21
N GLU D 100 18.33 -17.98 -28.27
CA GLU D 100 19.34 -18.84 -27.67
C GLU D 100 20.64 -18.77 -28.43
N TYR D 101 20.53 -18.51 -29.73
CA TYR D 101 21.67 -18.33 -30.62
C TYR D 101 22.42 -17.04 -30.28
N ALA D 102 21.68 -15.92 -30.25
CA ALA D 102 22.24 -14.61 -29.88
C ALA D 102 22.87 -14.66 -28.49
N ARG D 103 22.17 -15.33 -27.57
CA ARG D 103 22.66 -15.53 -26.21
C ARG D 103 23.96 -16.32 -26.22
N CYS D 104 24.01 -17.38 -27.04
CA CYS D 104 25.20 -18.19 -27.14
C CYS D 104 26.36 -17.34 -27.64
N GLU D 105 26.04 -16.46 -28.58
CA GLU D 105 27.01 -15.53 -29.14
C GLU D 105 27.59 -14.53 -28.13
N MET D 106 26.71 -13.85 -27.40
CA MET D 106 27.12 -12.89 -26.39
C MET D 106 27.92 -13.62 -25.30
N ASP D 107 27.56 -14.88 -25.07
CA ASP D 107 28.31 -15.76 -24.19
C ASP D 107 29.73 -15.89 -24.73
N TRP D 108 29.84 -16.12 -26.04
CA TRP D 108 31.15 -16.20 -26.66
C TRP D 108 31.97 -14.92 -26.56
N LEU D 109 31.38 -13.75 -26.82
CA LEU D 109 32.13 -12.49 -26.68
C LEU D 109 32.59 -12.31 -25.24
N ALA D 110 31.72 -12.68 -24.30
CA ALA D 110 32.06 -12.66 -22.88
C ALA D 110 33.25 -13.56 -22.62
N ARG D 111 33.30 -14.68 -23.32
CA ARG D 111 34.41 -15.62 -23.23
C ARG D 111 35.69 -15.00 -23.80
N MET D 112 35.54 -14.24 -24.89
CA MET D 112 36.67 -13.61 -25.59
C MET D 112 37.34 -12.45 -24.85
N GLU D 113 36.57 -11.63 -24.15
CA GLU D 113 37.15 -10.49 -23.43
C GLU D 113 37.96 -10.93 -22.20
N ALA D 114 37.60 -12.07 -21.62
CA ALA D 114 38.36 -12.62 -20.49
C ALA D 114 39.75 -13.08 -20.92
N ASP D 157 31.63 -39.06 -33.76
CA ASP D 157 30.75 -37.99 -34.24
C ASP D 157 29.39 -38.59 -34.58
N GLY D 158 28.76 -39.24 -33.61
CA GLY D 158 27.47 -39.89 -33.78
C GLY D 158 26.32 -39.00 -34.22
N LEU D 159 26.54 -37.70 -34.11
CA LEU D 159 25.53 -36.68 -34.38
C LEU D 159 25.25 -36.31 -35.84
N ILE D 160 24.02 -36.54 -36.29
CA ILE D 160 23.58 -36.22 -37.64
C ILE D 160 22.34 -35.34 -37.61
N LEU D 161 22.45 -34.14 -38.14
CA LEU D 161 21.37 -33.18 -38.06
C LEU D 161 20.49 -33.14 -39.29
N PRO D 162 19.22 -32.79 -39.11
CA PRO D 162 18.28 -32.65 -40.21
C PRO D 162 18.81 -31.77 -41.35
N ASP D 163 18.62 -32.26 -42.58
CA ASP D 163 19.05 -31.57 -43.81
C ASP D 163 18.05 -30.50 -44.26
N PRO D 164 18.50 -29.24 -44.29
CA PRO D 164 17.66 -28.10 -44.71
C PRO D 164 17.30 -28.11 -46.19
N ALA D 175 12.75 -26.47 -45.22
CA ALA D 175 13.42 -25.40 -44.47
C ALA D 175 13.74 -24.19 -45.35
N ALA D 176 13.56 -23.00 -44.76
CA ALA D 176 13.78 -21.71 -45.42
C ALA D 176 15.22 -21.47 -45.86
N LYS D 177 15.43 -20.38 -46.58
CA LYS D 177 16.75 -19.94 -46.99
C LYS D 177 17.68 -19.74 -45.80
N PRO D 178 19.00 -19.94 -46.00
CA PRO D 178 19.96 -19.69 -44.94
C PRO D 178 19.85 -18.28 -44.37
N VAL D 179 20.05 -18.18 -43.07
CA VAL D 179 19.97 -16.92 -42.35
C VAL D 179 20.99 -15.93 -42.91
N PHE D 180 22.11 -16.45 -43.36
CA PHE D 180 23.19 -15.62 -43.88
C PHE D 180 23.66 -16.03 -45.26
N ASP D 181 23.78 -15.06 -46.15
CA ASP D 181 24.39 -15.27 -47.46
C ASP D 181 25.89 -15.52 -47.32
N ALA D 182 26.49 -16.16 -48.31
CA ALA D 182 27.92 -16.44 -48.32
C ALA D 182 28.72 -15.15 -48.14
N GLU D 183 28.32 -14.13 -48.87
CA GLU D 183 28.93 -12.82 -48.75
C GLU D 183 28.79 -12.26 -47.33
N GLN D 184 27.57 -12.35 -46.79
CA GLN D 184 27.30 -11.86 -45.45
C GLN D 184 28.14 -12.60 -44.42
N THR D 185 28.22 -13.92 -44.56
CA THR D 185 29.03 -14.78 -43.70
C THR D 185 30.51 -14.36 -43.73
N LYS D 186 31.02 -14.10 -44.93
CA LYS D 186 32.41 -13.67 -45.06
C LYS D 186 32.64 -12.30 -44.40
N LYS D 187 31.69 -11.38 -44.59
CA LYS D 187 31.83 -10.04 -44.03
C LYS D 187 31.72 -10.04 -42.51
N LEU D 188 31.03 -11.03 -41.98
CA LEU D 188 30.90 -11.17 -40.53
C LEU D 188 32.10 -11.90 -39.92
N GLU D 189 32.74 -12.77 -40.71
CA GLU D 189 33.91 -13.49 -40.22
C GLU D 189 35.13 -12.58 -40.08
N GLN D 190 35.31 -11.71 -41.07
CA GLN D 190 36.41 -10.76 -41.10
C GLN D 190 36.17 -9.61 -40.10
N SER D 191 34.91 -9.41 -39.72
CA SER D 191 34.53 -8.37 -38.77
C SER D 191 35.21 -8.60 -37.42
N PRO D 192 35.62 -7.53 -36.74
CA PRO D 192 36.27 -7.59 -35.41
C PRO D 192 35.44 -8.36 -34.37
N ALA D 193 36.12 -9.16 -33.56
CA ALA D 193 35.44 -10.06 -32.62
C ALA D 193 34.68 -9.29 -31.55
N LEU D 194 35.22 -8.15 -31.14
CA LEU D 194 34.61 -7.41 -30.05
C LEU D 194 33.64 -6.32 -30.54
N SER D 195 33.27 -6.37 -31.82
CA SER D 195 32.35 -5.39 -32.40
C SER D 195 30.90 -5.69 -32.07
N GLY D 196 30.55 -6.97 -32.08
CA GLY D 196 29.18 -7.39 -31.82
C GLY D 196 28.25 -7.22 -33.02
N ALA D 197 28.82 -7.33 -34.22
CA ALA D 197 28.04 -7.19 -35.46
C ALA D 197 27.17 -8.41 -35.73
N ILE D 198 27.58 -9.55 -35.19
CA ILE D 198 26.88 -10.83 -35.40
C ILE D 198 25.50 -10.91 -34.72
N PRO D 199 25.42 -10.57 -33.41
CA PRO D 199 24.06 -10.58 -32.85
C PRO D 199 23.17 -9.50 -33.50
N ILE D 200 23.79 -8.40 -33.93
CA ILE D 200 23.09 -7.36 -34.68
C ILE D 200 22.48 -7.95 -35.96
N ALA D 201 23.28 -8.72 -36.69
CA ALA D 201 22.83 -9.38 -37.90
C ALA D 201 21.71 -10.40 -37.64
N VAL D 202 21.85 -11.15 -36.55
CA VAL D 202 20.83 -12.11 -36.14
C VAL D 202 19.51 -11.40 -35.88
N PHE D 203 19.58 -10.26 -35.22
CA PHE D 203 18.41 -9.44 -34.96
C PHE D 203 17.76 -8.98 -36.28
N ASP D 204 18.60 -8.40 -37.13
CA ASP D 204 18.16 -7.85 -38.41
C ASP D 204 17.52 -8.88 -39.34
N VAL D 205 18.09 -10.08 -39.38
CA VAL D 205 17.53 -11.14 -40.22
C VAL D 205 16.28 -11.74 -39.56
N ALA D 206 16.28 -11.77 -38.22
CA ALA D 206 15.11 -12.23 -37.47
C ALA D 206 13.90 -11.33 -37.73
N ARG D 207 14.17 -10.07 -38.06
CA ARG D 207 13.10 -9.14 -38.42
C ARG D 207 12.25 -9.63 -39.60
N LYS D 208 12.87 -10.34 -40.52
CA LYS D 208 12.17 -10.82 -41.71
C LYS D 208 11.41 -12.11 -41.45
N GLN D 209 11.72 -12.77 -40.36
CA GLN D 209 11.13 -14.08 -40.06
C GLN D 209 9.66 -13.95 -39.59
N PRO D 210 8.84 -15.00 -39.80
CA PRO D 210 7.41 -15.01 -39.42
C PRO D 210 7.13 -14.70 -37.95
N PHE D 211 8.03 -15.07 -37.06
CA PHE D 211 7.81 -14.85 -35.62
C PHE D 211 8.06 -13.40 -35.22
N TRP D 212 8.48 -12.56 -36.17
CA TRP D 212 8.82 -11.18 -35.83
C TRP D 212 7.64 -10.40 -35.29
N GLY D 213 7.84 -9.81 -34.13
CA GLY D 213 6.84 -8.99 -33.48
C GLY D 213 7.49 -8.17 -32.39
N PRO D 214 6.69 -7.39 -31.65
CA PRO D 214 7.16 -6.57 -30.53
C PRO D 214 7.76 -7.42 -29.38
N ALA D 215 7.13 -8.57 -29.13
CA ALA D 215 7.54 -9.49 -28.10
C ALA D 215 8.95 -9.99 -28.35
N ALA D 216 9.22 -10.37 -29.60
CA ALA D 216 10.53 -10.84 -30.00
C ALA D 216 11.63 -9.78 -29.75
N ALA D 217 11.37 -8.56 -30.20
CA ALA D 217 12.30 -7.47 -30.01
C ALA D 217 12.58 -7.27 -28.53
N GLU D 218 11.52 -7.34 -27.74
CA GLU D 218 11.62 -7.22 -26.29
C GLU D 218 12.47 -8.32 -25.68
N LYS D 219 12.31 -9.54 -26.17
CA LYS D 219 13.12 -10.66 -25.68
C LYS D 219 14.59 -10.50 -26.03
N PHE D 220 14.89 -10.06 -27.26
CA PHE D 220 16.28 -9.78 -27.63
C PHE D 220 16.87 -8.72 -26.70
N PHE D 221 16.09 -7.68 -26.43
CA PHE D 221 16.52 -6.64 -25.51
C PHE D 221 16.80 -7.21 -24.13
N ASP D 222 15.95 -8.13 -23.69
CA ASP D 222 16.11 -8.74 -22.37
C ASP D 222 17.38 -9.55 -22.32
N VAL D 223 17.63 -10.32 -23.37
CA VAL D 223 18.86 -11.11 -23.48
C VAL D 223 20.11 -10.25 -23.43
N PHE D 224 20.12 -9.14 -24.17
CA PHE D 224 21.29 -8.26 -24.17
C PHE D 224 21.46 -7.46 -22.89
N ALA D 225 20.34 -7.28 -22.17
CA ALA D 225 20.32 -6.52 -20.93
C ALA D 225 20.91 -7.36 -19.79
N LYS D 226 20.88 -8.68 -19.99
CA LYS D 226 21.40 -9.64 -19.02
C LYS D 226 22.93 -9.77 -19.16
N PHE D 227 23.47 -9.07 -20.14
CA PHE D 227 24.91 -8.97 -20.36
C PHE D 227 25.36 -7.51 -20.36
N SER D 231 31.32 -4.11 -23.30
CA SER D 231 31.46 -2.86 -24.03
C SER D 231 30.40 -2.77 -25.11
N CYS D 232 30.23 -3.87 -25.82
CA CYS D 232 29.30 -3.96 -26.94
C CYS D 232 27.85 -3.61 -26.57
N HIS D 233 27.45 -3.93 -25.34
CA HIS D 233 26.04 -3.81 -24.90
C HIS D 233 25.55 -2.39 -25.14
N GLU D 234 26.46 -1.44 -25.07
CA GLU D 234 26.15 -0.03 -25.28
C GLU D 234 25.57 0.18 -26.68
N ARG D 235 26.38 -0.12 -27.68
CA ARG D 235 25.98 0.03 -29.07
C ARG D 235 24.83 -0.92 -29.46
N ILE D 236 24.90 -2.16 -28.99
CA ILE D 236 23.88 -3.15 -29.30
C ILE D 236 22.51 -2.71 -28.80
N ILE D 237 22.44 -2.39 -27.50
CA ILE D 237 21.20 -1.94 -26.89
C ILE D 237 20.67 -0.66 -27.54
N SER D 238 21.57 0.29 -27.84
CA SER D 238 21.14 1.51 -28.51
C SER D 238 20.50 1.17 -29.86
N HIS D 239 21.12 0.24 -30.57
CA HIS D 239 20.60 -0.26 -31.85
C HIS D 239 19.22 -0.90 -31.74
N VAL D 240 19.06 -1.82 -30.80
CA VAL D 240 17.81 -2.56 -30.66
C VAL D 240 16.68 -1.59 -30.29
N VAL D 241 16.97 -0.72 -29.33
CA VAL D 241 16.01 0.29 -28.87
C VAL D 241 15.60 1.19 -30.03
N THR D 242 16.57 1.68 -30.79
CA THR D 242 16.32 2.51 -31.96
C THR D 242 15.41 1.85 -32.99
N THR D 243 15.77 0.63 -33.39
CA THR D 243 15.00 -0.16 -34.34
C THR D 243 13.55 -0.31 -33.87
N MET D 244 13.38 -0.62 -32.59
CA MET D 244 12.07 -0.74 -31.97
C MET D 244 11.30 0.58 -32.00
N GLN D 245 12.00 1.68 -31.77
CA GLN D 245 11.38 3.00 -31.83
C GLN D 245 10.88 3.25 -33.25
N GLU D 246 11.58 2.67 -34.24
CA GLU D 246 11.24 2.87 -35.65
C GLU D 246 10.08 2.00 -36.17
N LEU D 247 10.08 0.71 -35.85
CA LEU D 247 9.04 -0.21 -36.35
C LEU D 247 7.77 -0.23 -35.50
N PHE D 248 7.96 -0.08 -34.19
CA PHE D 248 6.88 -0.08 -33.21
C PHE D 248 6.82 1.27 -32.50
N PRO D 249 6.01 2.20 -33.04
CA PRO D 249 5.99 3.59 -32.59
C PRO D 249 5.53 3.78 -31.13
N ASN D 250 4.34 3.29 -30.78
CA ASN D 250 3.79 3.46 -29.43
C ASN D 250 3.41 2.16 -28.73
N HIS D 251 4.00 1.05 -29.14
CA HIS D 251 3.71 -0.23 -28.50
C HIS D 251 4.48 -0.27 -27.18
N PRO D 252 3.85 -0.83 -26.13
CA PRO D 252 4.41 -0.86 -24.76
C PRO D 252 5.80 -1.49 -24.67
N CYS D 253 6.16 -2.31 -25.66
CA CYS D 253 7.46 -2.95 -25.67
C CYS D 253 8.57 -1.91 -25.81
N THR D 254 8.36 -0.96 -26.71
CA THR D 254 9.37 0.04 -26.98
C THR D 254 9.59 0.95 -25.78
N TRP D 255 8.51 1.39 -25.13
CA TRP D 255 8.65 2.16 -23.90
C TRP D 255 9.26 1.36 -22.74
N SER D 256 8.88 0.10 -22.59
CA SER D 256 9.46 -0.75 -21.53
C SER D 256 10.99 -0.86 -21.68
N VAL D 257 11.41 -1.19 -22.90
CA VAL D 257 12.84 -1.34 -23.18
C VAL D 257 13.52 0.02 -23.10
N HIS D 258 12.78 1.08 -23.39
CA HIS D 258 13.33 2.44 -23.35
C HIS D 258 13.59 2.84 -21.90
N ILE D 259 12.70 2.45 -21.00
CA ILE D 259 12.84 2.76 -19.57
C ILE D 259 13.97 1.96 -18.94
N ARG D 260 14.07 0.69 -19.31
CA ARG D 260 15.11 -0.14 -18.73
C ARG D 260 16.48 0.15 -19.38
N GLN D 261 16.47 0.82 -20.53
CA GLN D 261 17.69 1.10 -21.31
C GLN D 261 18.80 1.86 -20.59
N PRO D 262 18.46 2.93 -19.83
CA PRO D 262 19.54 3.63 -19.16
C PRO D 262 20.21 2.76 -18.09
N LEU D 263 19.50 1.75 -17.60
CA LEU D 263 20.02 0.88 -16.54
C LEU D 263 20.75 -0.35 -17.08
N VAL D 264 22.06 -0.39 -16.87
CA VAL D 264 22.90 -1.50 -17.30
C VAL D 264 23.01 -2.53 -16.16
N GLY D 265 22.90 -3.81 -16.53
CA GLY D 265 23.02 -4.89 -15.57
C GLY D 265 24.44 -5.05 -15.07
N PHE D 273 23.71 4.17 -10.91
CA PHE D 273 22.35 3.64 -10.78
C PHE D 273 21.29 4.69 -10.39
N PRO D 274 21.52 5.51 -9.35
CA PRO D 274 20.45 6.47 -9.00
C PRO D 274 20.18 7.51 -10.09
N LYS D 275 21.22 7.93 -10.80
CA LYS D 275 21.10 8.90 -11.89
C LYS D 275 20.32 8.28 -13.06
N ALA D 276 20.77 7.10 -13.49
CA ALA D 276 20.10 6.36 -14.54
C ALA D 276 18.67 6.00 -14.11
N LEU D 277 18.47 5.76 -12.81
CA LEU D 277 17.14 5.50 -12.28
C LEU D 277 16.21 6.70 -12.41
N ARG D 278 16.64 7.86 -11.92
CA ARG D 278 15.82 9.07 -12.03
C ARG D 278 15.51 9.36 -13.49
N GLU D 279 16.48 9.15 -14.36
CA GLU D 279 16.26 9.28 -15.81
C GLU D 279 15.13 8.34 -16.27
N SER D 280 15.22 7.08 -15.86
CA SER D 280 14.21 6.07 -16.20
C SER D 280 12.81 6.46 -15.71
N LEU D 281 12.74 7.08 -14.54
CA LEU D 281 11.45 7.50 -13.98
C LEU D 281 10.90 8.71 -14.73
N ALA D 282 11.78 9.61 -15.14
CA ALA D 282 11.38 10.72 -15.98
C ALA D 282 10.80 10.19 -17.28
N ARG D 283 11.42 9.10 -17.76
CA ARG D 283 11.02 8.45 -19.00
C ARG D 283 9.68 7.69 -18.89
N LEU D 284 9.40 7.11 -17.72
CA LEU D 284 8.12 6.43 -17.50
C LEU D 284 7.04 7.50 -17.43
N LYS D 285 7.40 8.63 -16.82
CA LYS D 285 6.50 9.76 -16.79
C LYS D 285 6.23 10.22 -18.22
N ALA D 286 7.27 10.24 -19.05
CA ALA D 286 7.13 10.58 -20.47
C ALA D 286 6.23 9.54 -21.17
N ALA D 287 6.25 8.32 -20.65
CA ALA D 287 5.46 7.20 -21.15
C ALA D 287 3.99 7.38 -20.81
N LEU D 288 3.74 8.09 -19.70
CA LEU D 288 2.39 8.33 -19.22
C LEU D 288 1.58 9.19 -20.20
N GLN D 289 2.27 9.89 -21.08
CA GLN D 289 1.62 10.73 -22.08
C GLN D 289 1.18 9.89 -23.28
N SER D 290 1.68 8.66 -23.34
CA SER D 290 1.39 7.81 -24.48
C SER D 290 -0.07 7.36 -24.49
N THR D 291 -0.53 6.94 -25.65
CA THR D 291 -1.87 6.42 -25.78
C THR D 291 -1.86 4.95 -25.33
N THR D 292 -3.06 4.37 -25.23
CA THR D 292 -3.26 3.01 -24.72
C THR D 292 -2.47 1.97 -25.53
N ASP D 293 -2.29 0.74 -25.04
CA ASP D 293 -2.60 0.28 -23.68
C ASP D 293 -1.65 0.78 -22.59
N ARG D 294 -2.16 1.59 -21.66
CA ARG D 294 -1.38 2.08 -20.53
C ARG D 294 -1.14 0.97 -19.49
N LYS D 295 -2.18 0.16 -19.32
CA LYS D 295 -2.23 -0.86 -18.26
C LYS D 295 -1.25 -2.02 -18.48
N ALA D 296 -1.13 -2.52 -19.71
CA ALA D 296 -0.21 -3.61 -20.01
C ALA D 296 1.22 -3.20 -19.71
N LEU D 297 1.58 -2.00 -20.15
CA LEU D 297 2.90 -1.45 -19.87
C LEU D 297 3.07 -1.33 -18.36
N ALA D 298 2.00 -0.93 -17.66
CA ALA D 298 2.04 -0.84 -16.21
C ALA D 298 2.35 -2.20 -15.56
N THR D 299 1.75 -3.27 -16.08
CA THR D 299 2.00 -4.63 -15.59
C THR D 299 3.46 -5.04 -15.83
N LYS D 300 3.96 -4.78 -17.05
CA LYS D 300 5.37 -5.04 -17.34
C LYS D 300 6.25 -4.33 -16.32
N MET D 301 5.91 -3.07 -16.06
CA MET D 301 6.70 -2.26 -15.17
C MET D 301 6.65 -2.76 -13.72
N VAL D 302 5.48 -3.19 -13.24
CA VAL D 302 5.40 -3.73 -11.89
C VAL D 302 6.18 -5.05 -11.76
N ALA D 303 6.12 -5.90 -12.78
CA ALA D 303 6.92 -7.13 -12.79
C ALA D 303 8.42 -6.79 -12.70
N TRP D 304 8.82 -5.79 -13.48
CA TRP D 304 10.21 -5.31 -13.46
C TRP D 304 10.63 -4.77 -12.10
N MET D 305 9.75 -3.97 -11.50
CA MET D 305 10.00 -3.42 -10.17
C MET D 305 10.09 -4.56 -9.17
N ASP D 306 9.38 -5.66 -9.43
CA ASP D 306 9.51 -6.86 -8.61
C ASP D 306 10.92 -7.41 -8.72
N GLY D 307 11.41 -7.47 -9.96
CA GLY D 307 12.77 -7.89 -10.24
C GLY D 307 13.82 -7.06 -9.53
N ILE D 308 13.59 -5.75 -9.45
CA ILE D 308 14.53 -4.84 -8.78
C ILE D 308 14.45 -4.91 -7.24
N LEU D 309 13.24 -4.81 -6.69
CA LEU D 309 13.04 -4.82 -5.24
C LEU D 309 13.29 -6.17 -4.55
N ALA D 310 13.21 -7.27 -5.30
CA ALA D 310 13.34 -8.59 -4.68
C ALA D 310 14.72 -8.85 -4.08
N ILE D 311 15.78 -8.38 -4.77
CA ILE D 311 17.20 -8.58 -4.40
C ILE D 311 17.46 -9.80 -3.49
N ASP D 315 19.42 0.27 -1.14
CA ASP D 315 19.18 1.41 -0.27
C ASP D 315 17.67 1.49 0.02
N ALA D 316 17.34 1.87 1.25
CA ALA D 316 15.95 1.90 1.74
C ALA D 316 15.02 2.89 1.02
N ALA D 317 15.48 4.12 0.85
CA ALA D 317 14.69 5.17 0.20
C ALA D 317 14.27 4.80 -1.22
N ILE D 318 15.19 4.18 -1.95
CA ILE D 318 14.90 3.69 -3.29
C ILE D 318 13.81 2.63 -3.23
N ARG D 319 13.89 1.74 -2.23
CA ARG D 319 12.89 0.70 -2.05
C ARG D 319 11.54 1.37 -1.86
N THR D 320 11.51 2.37 -1.00
CA THR D 320 10.27 3.05 -0.65
C THR D 320 9.64 3.72 -1.88
N VAL D 321 10.40 4.55 -2.60
CA VAL D 321 9.83 5.28 -3.73
C VAL D 321 9.40 4.37 -4.88
N LEU D 322 10.18 3.32 -5.17
CA LEU D 322 9.79 2.40 -6.25
C LEU D 322 8.53 1.61 -5.84
N GLU D 323 8.49 1.16 -4.58
CA GLU D 323 7.33 0.44 -4.07
C GLU D 323 6.07 1.27 -4.10
N HIS D 324 6.23 2.56 -3.78
CA HIS D 324 5.12 3.50 -3.79
C HIS D 324 4.61 3.78 -5.19
N THR D 325 5.51 4.14 -6.11
CA THR D 325 5.11 4.35 -7.50
C THR D 325 4.39 3.11 -8.03
N LYS D 326 4.88 1.94 -7.62
CA LYS D 326 4.22 0.67 -7.93
C LYS D 326 2.82 0.60 -7.35
N ARG D 327 2.70 1.06 -6.09
CA ARG D 327 1.42 1.05 -5.38
C ARG D 327 0.40 1.91 -6.12
N SER D 328 0.90 2.95 -6.78
CA SER D 328 0.07 3.80 -7.63
C SER D 328 -0.51 2.99 -8.80
N LEU D 329 0.28 2.03 -9.29
CA LEU D 329 -0.13 1.18 -10.41
C LEU D 329 -0.91 -0.05 -9.95
#